data_9CAL
#
_entry.id   9CAL
#
_cell.length_a   1.00
_cell.length_b   1.00
_cell.length_c   1.00
_cell.angle_alpha   90.00
_cell.angle_beta   90.00
_cell.angle_gamma   90.00
#
_symmetry.space_group_name_H-M   'P 1'
#
loop_
_entity.id
_entity.type
_entity.pdbx_description
1 polymer 'DNA topoisomerase 3-beta-1'
2 polymer 'Tudor domain-containing protein 3'
3 polymer "DNA (5'-D(P*GP*AP*CP*AP*GP*AP*T)-3')"
4 polymer "DNA (5'-D(*AP*TP*T)-3')"
5 non-polymer 'MANGANESE (II) ION'
#
loop_
_entity_poly.entity_id
_entity_poly.type
_entity_poly.pdbx_seq_one_letter_code
_entity_poly.pdbx_strand_id
1 'polypeptide(L)'
;VMKTVLMVAEKPSLAQSIAKILSRGSLSSHKGLNGACSVHEYTGTFAGQPVRFKMTSVCGHVMTLDFLGKYNKWDKVDPA
ELFSQAPTEKKEANPKLNMVKFLQVEGRGCDYIVLWLDCDKEGENICFEVLDAVLPVMNKAHGGEKTVFRARFSSITDTD
ICNAMACLGEPDHNEALSVDARQELDLRIGCAFTRFQTKYFQGKYGDLDSSLISFGPCQTPTLGFCVERHDKIQSFKPET
YWVLQAKVNTDKDRSLLLDWDRVRVFDREIAQMFLNMTKLEKEAQVEATSRKEKAKQRPLALNTVEMLRVASSSLGMGPQ
HAMQTAERLYTQGYIS(PTR)PRTETTHYPENFDLKGSLRQQANHPYWADTVKRLLAEGINRPRKGHDAGDHPPITPMKS
ATEAELGGDAWRLYEYITRHFIATVSHDCKYLQSTISFRIGPELFTCSGKTVLSPGFTEVMPWQSVPLEESLPTCQRGDA
FPVGEVKMLEKQTNPPDYLTEAELITLMEKHGIGTDASIPVHINNICQRNYVTVESGRRLKPTNLGIVLVHGYYKIDAEL
VLPTIRSAVEKQLNLIAQGKADYRQVLGHTLDVFKRKFHYFVDSIAGMDELMEVSF
;
A
2 'polypeptide(L)'
;MAQVAGAALSQAGWYLSDEGIEACTSSPDKVNVNDIILIALNTDLRTIGKKFLPSDINSGKVEKLEGPCVLQIQKIRNVA
APKDNEESQAAPRMLRLQMTDGHISCTAVEFSYMSKISLNTPPGTKVKLSGIVDIKNGFLLLNDSNTTVLGGEVEHLIEK
W
;
B
3 'polydeoxyribonucleotide' (DG)(DA)(DC)(DA)(DG)(DA)(DT) D
4 'polydeoxyribonucleotide' (DA)(DT)(DT) E
#
loop_
_chem_comp.id
_chem_comp.type
_chem_comp.name
_chem_comp.formula
DA DNA linking 2'-DEOXYADENOSINE-5'-MONOPHOSPHATE 'C10 H14 N5 O6 P'
DC DNA linking 2'-DEOXYCYTIDINE-5'-MONOPHOSPHATE 'C9 H14 N3 O7 P'
DG DNA linking 2'-DEOXYGUANOSINE-5'-MONOPHOSPHATE 'C10 H14 N5 O7 P'
DT DNA linking THYMIDINE-5'-MONOPHOSPHATE 'C10 H15 N2 O8 P'
MN non-polymer 'MANGANESE (II) ION' 'Mn 2'
#
# COMPACT_ATOMS: atom_id res chain seq x y z
N VAL A 1 -35.80 31.95 -35.09
CA VAL A 1 -34.96 33.14 -35.18
C VAL A 1 -33.89 33.11 -34.09
N MET A 2 -34.29 32.76 -32.87
CA MET A 2 -33.36 32.70 -31.77
C MET A 2 -32.34 31.58 -31.99
N LYS A 3 -31.07 31.90 -31.82
CA LYS A 3 -30.02 30.92 -32.00
C LYS A 3 -30.04 29.90 -30.87
N THR A 4 -29.70 28.66 -31.22
CA THR A 4 -29.67 27.55 -30.27
C THR A 4 -28.23 27.17 -29.98
N VAL A 5 -27.93 26.95 -28.71
CA VAL A 5 -26.59 26.57 -28.27
C VAL A 5 -26.65 25.21 -27.59
N LEU A 6 -25.81 24.29 -28.05
CA LEU A 6 -25.73 22.95 -27.47
C LEU A 6 -24.76 22.95 -26.31
N MET A 7 -25.04 22.10 -25.33
CA MET A 7 -24.41 22.22 -24.01
C MET A 7 -23.95 20.86 -23.52
N VAL A 8 -23.23 20.12 -24.38
CA VAL A 8 -22.94 18.71 -24.13
C VAL A 8 -22.16 18.53 -22.84
N ALA A 9 -22.56 17.54 -22.05
CA ALA A 9 -21.87 17.09 -20.84
C ALA A 9 -21.45 15.64 -21.02
N GLU A 10 -20.97 15.02 -19.93
CA GLU A 10 -20.43 13.67 -20.01
C GLU A 10 -21.34 12.60 -19.41
N LYS A 11 -22.24 12.94 -18.51
CA LYS A 11 -23.15 11.95 -17.95
C LYS A 11 -24.51 12.59 -17.69
N PRO A 12 -25.59 11.81 -17.78
CA PRO A 12 -26.93 12.38 -17.63
C PRO A 12 -27.16 13.08 -16.30
N SER A 13 -26.64 12.53 -15.20
CA SER A 13 -26.84 13.16 -13.90
C SER A 13 -26.17 14.53 -13.84
N LEU A 14 -24.93 14.62 -14.33
CA LEU A 14 -24.24 15.91 -14.34
C LEU A 14 -24.95 16.89 -15.25
N ALA A 15 -25.44 16.42 -16.40
CA ALA A 15 -26.17 17.30 -17.30
C ALA A 15 -27.42 17.85 -16.63
N GLN A 16 -28.17 16.98 -15.94
CA GLN A 16 -29.37 17.44 -15.24
C GLN A 16 -29.03 18.43 -14.14
N SER A 17 -27.97 18.16 -13.37
CA SER A 17 -27.60 19.06 -12.28
C SER A 17 -27.21 20.43 -12.80
N ILE A 18 -26.38 20.46 -13.85
CA ILE A 18 -25.94 21.75 -14.39
C ILE A 18 -27.11 22.49 -15.02
N ALA A 19 -28.01 21.78 -15.69
CA ALA A 19 -29.18 22.41 -16.27
C ALA A 19 -30.07 23.01 -15.19
N LYS A 20 -30.26 22.28 -14.09
CA LYS A 20 -31.06 22.80 -12.99
C LYS A 20 -30.42 24.03 -12.37
N ILE A 21 -29.10 24.03 -12.22
CA ILE A 21 -28.41 25.16 -11.61
C ILE A 21 -28.52 26.39 -12.50
N LEU A 22 -28.25 26.21 -13.81
CA LEU A 22 -28.21 27.36 -14.72
C LEU A 22 -29.60 27.88 -15.07
N SER A 23 -30.61 27.03 -15.09
CA SER A 23 -31.95 27.44 -15.52
C SER A 23 -32.81 27.93 -14.37
N ARG A 24 -32.26 27.99 -13.16
CA ARG A 24 -32.96 28.44 -11.94
C ARG A 24 -34.34 27.80 -11.80
N GLY A 25 -34.48 26.57 -12.32
CA GLY A 25 -35.69 25.80 -12.15
C GLY A 25 -36.77 26.07 -13.18
N SER A 26 -36.38 26.15 -14.45
CA SER A 26 -37.34 26.37 -15.54
C SER A 26 -37.00 25.46 -16.71
N LEU A 27 -36.71 24.19 -16.41
CA LEU A 27 -36.29 23.24 -17.44
C LEU A 27 -37.49 22.69 -18.21
N SER A 28 -37.20 22.18 -19.40
CA SER A 28 -38.15 21.36 -20.16
C SER A 28 -37.38 20.14 -20.65
N SER A 29 -37.71 18.97 -20.10
CA SER A 29 -36.91 17.77 -20.32
C SER A 29 -37.67 16.76 -21.15
N HIS A 30 -36.96 16.08 -22.06
CA HIS A 30 -37.52 14.96 -22.79
C HIS A 30 -36.40 14.03 -23.24
N LYS A 31 -36.72 12.75 -23.36
CA LYS A 31 -35.72 11.74 -23.66
C LYS A 31 -35.35 11.75 -25.14
N GLY A 32 -34.08 11.52 -25.42
CA GLY A 32 -33.59 11.41 -26.78
C GLY A 32 -33.73 9.99 -27.31
N LEU A 33 -33.16 9.78 -28.50
CA LEU A 33 -33.26 8.47 -29.15
C LEU A 33 -32.15 7.51 -28.73
N ASN A 34 -31.92 7.43 -27.42
CA ASN A 34 -31.07 6.39 -26.86
C ASN A 34 -31.73 5.80 -25.62
N GLY A 35 -32.57 6.59 -24.97
CA GLY A 35 -33.17 6.24 -23.71
C GLY A 35 -32.29 6.58 -22.52
N ALA A 36 -30.98 6.42 -22.67
CA ALA A 36 -30.03 6.70 -21.61
C ALA A 36 -29.53 8.13 -21.61
N CYS A 37 -29.99 8.96 -22.55
CA CYS A 37 -29.56 10.35 -22.64
C CYS A 37 -30.80 11.23 -22.79
N SER A 38 -30.84 12.31 -22.02
CA SER A 38 -31.98 13.20 -22.00
C SER A 38 -31.58 14.58 -22.50
N VAL A 39 -32.53 15.27 -23.11
CA VAL A 39 -32.33 16.63 -23.61
C VAL A 39 -33.18 17.56 -22.76
N HIS A 40 -32.51 18.50 -22.09
CA HIS A 40 -33.15 19.57 -21.36
C HIS A 40 -33.08 20.84 -22.19
N GLU A 41 -34.08 21.70 -22.02
CA GLU A 41 -34.15 22.92 -22.80
C GLU A 41 -34.56 24.07 -21.89
N TYR A 42 -33.95 25.23 -22.13
CA TYR A 42 -34.35 26.45 -21.44
C TYR A 42 -33.94 27.65 -22.29
N THR A 43 -34.06 28.86 -21.73
CA THR A 43 -33.80 30.09 -22.45
C THR A 43 -32.89 30.99 -21.62
N GLY A 44 -31.98 31.68 -22.28
CA GLY A 44 -31.06 32.54 -21.57
C GLY A 44 -30.40 33.55 -22.48
N THR A 45 -29.28 34.09 -22.01
CA THR A 45 -28.52 35.10 -22.74
C THR A 45 -27.10 34.62 -22.96
N PHE A 46 -26.60 34.81 -24.17
CA PHE A 46 -25.23 34.42 -24.53
C PHE A 46 -24.65 35.48 -25.46
N ALA A 47 -23.48 36.01 -25.08
CA ALA A 47 -22.79 37.04 -25.85
C ALA A 47 -23.70 38.26 -26.08
N GLY A 48 -24.51 38.57 -25.09
CA GLY A 48 -25.43 39.70 -25.20
C GLY A 48 -26.53 39.52 -26.22
N GLN A 49 -27.10 38.33 -26.33
CA GLN A 49 -28.22 38.07 -27.21
C GLN A 49 -29.11 36.99 -26.62
N PRO A 50 -30.41 37.02 -26.90
CA PRO A 50 -31.31 35.98 -26.38
C PRO A 50 -31.17 34.69 -27.18
N VAL A 51 -30.88 33.60 -26.48
CA VAL A 51 -30.61 32.31 -27.10
C VAL A 51 -31.35 31.22 -26.36
N ARG A 52 -31.50 30.08 -27.03
CA ARG A 52 -32.08 28.88 -26.46
C ARG A 52 -30.95 27.91 -26.10
N PHE A 53 -31.10 27.25 -24.95
CA PHE A 53 -30.08 26.39 -24.41
C PHE A 53 -30.57 24.94 -24.48
N LYS A 54 -29.77 24.08 -25.12
CA LYS A 54 -30.09 22.67 -25.26
C LYS A 54 -29.01 21.86 -24.53
N MET A 55 -29.35 21.35 -23.36
CA MET A 55 -28.45 20.54 -22.53
C MET A 55 -28.61 19.08 -22.91
N THR A 56 -27.49 18.45 -23.26
CA THR A 56 -27.47 17.03 -23.60
C THR A 56 -26.26 16.39 -22.94
N SER A 57 -26.26 15.06 -22.91
CA SER A 57 -25.16 14.34 -22.28
C SER A 57 -24.79 13.11 -23.11
N VAL A 58 -23.49 12.85 -23.22
CA VAL A 58 -22.99 11.58 -23.71
C VAL A 58 -22.99 10.60 -22.54
N CYS A 59 -22.74 9.33 -22.82
CA CYS A 59 -22.67 8.30 -21.78
C CYS A 59 -21.25 7.78 -21.60
N GLY A 60 -20.27 8.66 -21.70
CA GLY A 60 -18.87 8.27 -21.56
C GLY A 60 -18.10 8.48 -22.85
N HIS A 61 -17.16 7.59 -23.13
CA HIS A 61 -16.44 7.65 -24.40
C HIS A 61 -17.38 7.42 -25.56
N VAL A 62 -17.11 8.09 -26.67
CA VAL A 62 -17.93 7.97 -27.86
C VAL A 62 -17.22 7.10 -28.89
N MET A 63 -15.89 7.09 -28.85
CA MET A 63 -15.09 6.40 -29.86
C MET A 63 -14.03 5.53 -29.19
N THR A 64 -13.56 4.56 -29.96
CA THR A 64 -12.49 3.65 -29.54
C THR A 64 -11.71 3.22 -30.78
N LEU A 65 -10.40 3.04 -30.62
CA LEU A 65 -9.54 2.71 -31.75
C LEU A 65 -9.67 1.25 -32.15
N ASP A 66 -9.46 0.99 -33.44
CA ASP A 66 -9.46 -0.36 -33.97
C ASP A 66 -8.80 -0.37 -35.34
N PHE A 67 -8.17 -1.49 -35.67
CA PHE A 67 -7.52 -1.65 -36.97
C PHE A 67 -8.56 -1.80 -38.07
N LEU A 68 -8.16 -1.47 -39.30
CA LEU A 68 -9.17 -1.27 -40.33
C LEU A 68 -9.97 -2.51 -40.69
N GLY A 69 -9.41 -3.44 -41.46
CA GLY A 69 -10.01 -4.76 -41.48
C GLY A 69 -9.04 -5.93 -41.47
N LYS A 70 -7.93 -5.80 -42.20
CA LYS A 70 -7.05 -6.95 -42.41
C LYS A 70 -6.39 -7.35 -41.11
N TYR A 71 -5.92 -6.39 -40.37
CA TYR A 71 -5.26 -6.56 -39.10
C TYR A 71 -6.21 -6.93 -38.02
N ASN A 72 -7.45 -7.26 -38.36
CA ASN A 72 -8.38 -7.87 -37.43
C ASN A 72 -8.61 -9.34 -37.73
N LYS A 73 -7.80 -9.95 -38.60
CA LYS A 73 -8.02 -11.33 -39.00
C LYS A 73 -7.24 -12.34 -38.16
N TRP A 74 -6.15 -11.92 -37.51
CA TRP A 74 -5.32 -12.72 -36.61
C TRP A 74 -4.54 -13.81 -37.31
N ASP A 75 -4.72 -14.01 -38.62
CA ASP A 75 -4.03 -15.07 -39.33
C ASP A 75 -3.40 -14.55 -40.61
N LYS A 76 -3.94 -13.48 -41.16
CA LYS A 76 -3.41 -12.92 -42.39
C LYS A 76 -2.21 -12.00 -42.16
N VAL A 77 -1.98 -11.59 -40.91
CA VAL A 77 -0.86 -10.71 -40.58
C VAL A 77 -0.14 -11.28 -39.36
N ASP A 78 1.16 -10.95 -39.25
CA ASP A 78 1.87 -11.31 -38.05
C ASP A 78 1.98 -10.12 -37.11
N PRO A 79 2.04 -10.35 -35.80
CA PRO A 79 1.92 -9.24 -34.84
C PRO A 79 2.98 -8.15 -35.02
N ALA A 80 4.15 -8.48 -35.58
CA ALA A 80 5.18 -7.48 -35.79
C ALA A 80 4.72 -6.36 -36.70
N GLU A 81 3.68 -6.58 -37.50
CA GLU A 81 3.15 -5.56 -38.38
C GLU A 81 2.14 -4.65 -37.70
N LEU A 82 1.88 -4.84 -36.41
CA LEU A 82 0.91 -4.04 -35.69
C LEU A 82 1.52 -2.82 -35.00
N PHE A 83 2.80 -2.56 -35.21
CA PHE A 83 3.47 -1.43 -34.56
C PHE A 83 3.63 -0.21 -35.45
N SER A 84 3.90 -0.41 -36.75
CA SER A 84 4.17 0.72 -37.62
C SER A 84 3.32 0.70 -38.89
N GLN A 85 2.97 -0.48 -39.37
CA GLN A 85 2.28 -0.63 -40.65
C GLN A 85 0.82 -1.02 -40.50
N ALA A 86 0.22 -0.73 -39.34
CA ALA A 86 -1.18 -1.07 -39.09
C ALA A 86 -1.96 0.20 -38.81
N PRO A 87 -2.63 0.77 -39.82
CA PRO A 87 -3.44 1.97 -39.59
C PRO A 87 -4.61 1.69 -38.65
N THR A 88 -4.95 2.69 -37.85
CA THR A 88 -6.00 2.59 -36.85
C THR A 88 -7.04 3.67 -37.09
N GLU A 89 -8.31 3.27 -37.13
CA GLU A 89 -9.42 4.21 -37.21
C GLU A 89 -10.17 4.21 -35.89
N LYS A 90 -11.15 5.10 -35.77
CA LYS A 90 -11.95 5.24 -34.57
C LYS A 90 -13.38 4.83 -34.86
N LYS A 91 -13.85 3.79 -34.18
CA LYS A 91 -15.22 3.33 -34.32
C LYS A 91 -16.00 3.70 -33.06
N GLU A 92 -17.29 3.38 -33.08
CA GLU A 92 -18.20 3.80 -32.01
C GLU A 92 -18.21 2.76 -30.89
N ALA A 93 -17.94 3.22 -29.67
CA ALA A 93 -18.06 2.37 -28.50
C ALA A 93 -19.51 2.39 -28.01
N ASN A 94 -19.94 1.31 -27.37
CA ASN A 94 -21.33 1.09 -26.99
C ASN A 94 -22.27 1.36 -28.16
N PRO A 95 -22.22 0.55 -29.22
CA PRO A 95 -23.13 0.78 -30.35
C PRO A 95 -24.59 0.65 -29.97
N LYS A 96 -24.89 -0.01 -28.85
CA LYS A 96 -26.26 -0.06 -28.36
C LYS A 96 -26.80 1.33 -28.10
N LEU A 97 -25.94 2.27 -27.72
CA LEU A 97 -26.31 3.67 -27.57
C LEU A 97 -25.83 4.42 -28.80
N ASN A 98 -26.78 4.87 -29.63
CA ASN A 98 -26.46 5.52 -30.90
C ASN A 98 -25.94 6.92 -30.62
N MET A 99 -24.69 7.00 -30.14
CA MET A 99 -24.14 8.26 -29.68
C MET A 99 -23.93 9.24 -30.83
N VAL A 100 -23.32 8.78 -31.92
CA VAL A 100 -23.02 9.69 -33.02
C VAL A 100 -24.31 10.18 -33.67
N LYS A 101 -25.26 9.28 -33.90
CA LYS A 101 -26.54 9.67 -34.49
C LYS A 101 -27.29 10.63 -33.58
N PHE A 102 -27.28 10.36 -32.27
CA PHE A 102 -27.95 11.23 -31.32
C PHE A 102 -27.33 12.62 -31.32
N LEU A 103 -26.00 12.69 -31.32
CA LEU A 103 -25.32 13.99 -31.33
C LEU A 103 -25.62 14.75 -32.61
N GLN A 104 -25.61 14.07 -33.74
CA GLN A 104 -25.92 14.75 -35.00
C GLN A 104 -27.34 15.27 -35.03
N VAL A 105 -28.29 14.46 -34.56
CA VAL A 105 -29.69 14.87 -34.54
C VAL A 105 -29.87 16.08 -33.62
N GLU A 106 -29.24 16.06 -32.45
CA GLU A 106 -29.35 17.20 -31.54
C GLU A 106 -28.70 18.44 -32.11
N GLY A 107 -27.56 18.28 -32.79
CA GLY A 107 -26.88 19.39 -33.42
C GLY A 107 -27.41 19.79 -34.78
N ARG A 108 -28.52 19.19 -35.20
CA ARG A 108 -29.16 19.57 -36.47
C ARG A 108 -29.79 20.94 -36.29
N GLY A 109 -28.97 21.98 -36.43
CA GLY A 109 -29.44 23.36 -36.39
C GLY A 109 -28.80 24.22 -35.31
N CYS A 110 -27.93 23.69 -34.47
CA CYS A 110 -27.31 24.50 -33.44
C CYS A 110 -26.31 25.48 -34.06
N ASP A 111 -26.04 26.56 -33.33
CA ASP A 111 -25.13 27.59 -33.80
C ASP A 111 -23.84 27.62 -32.99
N TYR A 112 -23.92 27.75 -31.68
CA TYR A 112 -22.76 27.69 -30.80
C TYR A 112 -22.69 26.33 -30.13
N ILE A 113 -21.65 26.12 -29.34
CA ILE A 113 -21.50 24.89 -28.58
C ILE A 113 -20.62 25.16 -27.37
N VAL A 114 -21.10 24.75 -26.19
CA VAL A 114 -20.36 24.87 -24.94
C VAL A 114 -20.24 23.47 -24.36
N LEU A 115 -19.03 23.08 -24.01
CA LEU A 115 -18.69 21.67 -23.76
C LEU A 115 -18.34 21.50 -22.29
N TRP A 116 -19.29 20.98 -21.51
CA TRP A 116 -19.15 20.81 -20.06
C TRP A 116 -18.65 19.42 -19.69
N LEU A 117 -17.51 19.01 -20.23
CA LEU A 117 -16.95 17.72 -19.85
C LEU A 117 -16.06 17.89 -18.63
N ASP A 118 -15.89 16.80 -17.89
CA ASP A 118 -15.11 16.89 -16.66
C ASP A 118 -13.67 17.27 -16.96
N CYS A 119 -13.06 18.00 -16.04
CA CYS A 119 -11.76 18.62 -16.27
C CYS A 119 -10.67 17.59 -16.02
N ASP A 120 -10.38 16.79 -17.04
CA ASP A 120 -9.26 15.86 -17.02
C ASP A 120 -8.90 15.51 -18.45
N LYS A 121 -7.84 14.70 -18.60
CA LYS A 121 -7.34 14.36 -19.93
C LYS A 121 -8.37 13.57 -20.72
N GLU A 122 -9.00 12.58 -20.08
CA GLU A 122 -10.04 11.82 -20.76
C GLU A 122 -11.23 12.72 -21.10
N GLY A 123 -11.53 13.68 -20.23
CA GLY A 123 -12.57 14.64 -20.54
C GLY A 123 -12.26 15.44 -21.79
N GLU A 124 -11.01 15.89 -21.93
CA GLU A 124 -10.64 16.64 -23.13
C GLU A 124 -10.70 15.76 -24.38
N ASN A 125 -10.28 14.50 -24.26
CA ASN A 125 -10.36 13.59 -25.40
C ASN A 125 -11.80 13.38 -25.84
N ILE A 126 -12.71 13.15 -24.88
CA ILE A 126 -14.11 12.99 -25.23
C ILE A 126 -14.68 14.30 -25.75
N CYS A 127 -14.17 15.42 -25.27
CA CYS A 127 -14.55 16.73 -25.78
C CYS A 127 -14.27 16.83 -27.27
N PHE A 128 -13.07 16.42 -27.67
CA PHE A 128 -12.74 16.52 -29.09
C PHE A 128 -13.46 15.45 -29.92
N GLU A 129 -13.76 14.30 -29.33
CA GLU A 129 -14.60 13.32 -30.03
C GLU A 129 -15.99 13.90 -30.31
N VAL A 130 -16.60 14.52 -29.30
CA VAL A 130 -17.91 15.14 -29.47
C VAL A 130 -17.83 16.26 -30.50
N LEU A 131 -16.76 17.05 -30.46
CA LEU A 131 -16.62 18.14 -31.41
C LEU A 131 -16.49 17.62 -32.83
N ASP A 132 -15.73 16.54 -33.03
CA ASP A 132 -15.62 15.95 -34.36
C ASP A 132 -16.95 15.37 -34.83
N ALA A 133 -17.76 14.87 -33.89
CA ALA A 133 -19.06 14.33 -34.28
C ALA A 133 -20.09 15.42 -34.59
N VAL A 134 -20.02 16.56 -33.92
CA VAL A 134 -21.08 17.56 -33.98
C VAL A 134 -20.77 18.69 -34.96
N LEU A 135 -19.49 19.05 -35.11
CA LEU A 135 -19.15 20.17 -35.99
C LEU A 135 -19.66 20.05 -37.42
N PRO A 136 -19.60 18.90 -38.11
CA PRO A 136 -20.00 18.89 -39.53
C PRO A 136 -21.49 19.03 -39.75
N VAL A 137 -22.28 19.27 -38.71
CA VAL A 137 -23.73 19.30 -38.85
C VAL A 137 -24.28 20.58 -38.23
N MET A 138 -23.40 21.55 -37.97
CA MET A 138 -23.79 22.79 -37.33
C MET A 138 -24.21 23.83 -38.36
N ASN A 139 -24.37 25.07 -37.93
CA ASN A 139 -24.91 26.14 -38.76
C ASN A 139 -23.85 27.09 -39.28
N LYS A 140 -22.57 26.73 -39.17
CA LYS A 140 -21.45 27.51 -39.72
C LYS A 140 -21.29 28.85 -39.03
N ALA A 141 -20.18 29.53 -39.31
CA ALA A 141 -19.86 30.81 -38.69
C ALA A 141 -20.08 31.95 -39.68
N HIS A 142 -20.85 32.95 -39.26
CA HIS A 142 -21.14 34.08 -40.15
C HIS A 142 -19.87 34.87 -40.48
N GLY A 143 -19.03 35.11 -39.49
CA GLY A 143 -17.80 35.86 -39.70
C GLY A 143 -16.64 35.36 -38.87
N GLY A 144 -15.93 36.26 -38.22
CA GLY A 144 -14.79 35.92 -37.40
C GLY A 144 -15.13 35.58 -35.96
N GLU A 145 -16.40 35.32 -35.66
CA GLU A 145 -16.80 35.02 -34.29
C GLU A 145 -16.41 33.60 -33.91
N LYS A 146 -16.21 33.40 -32.60
CA LYS A 146 -15.92 32.06 -32.09
C LYS A 146 -17.19 31.22 -32.05
N THR A 147 -17.00 29.92 -32.10
CA THR A 147 -18.13 29.00 -32.12
C THR A 147 -18.05 27.91 -31.04
N VAL A 148 -16.85 27.43 -30.74
CA VAL A 148 -16.66 26.37 -29.76
C VAL A 148 -16.16 26.97 -28.46
N PHE A 149 -16.78 26.60 -27.34
CA PHE A 149 -16.43 27.09 -26.03
C PHE A 149 -16.19 25.91 -25.09
N ARG A 150 -15.45 26.17 -24.03
CA ARG A 150 -15.17 25.18 -23.00
C ARG A 150 -15.35 25.79 -21.63
N ALA A 151 -15.99 25.04 -20.74
CA ALA A 151 -16.26 25.50 -19.38
C ALA A 151 -15.48 24.64 -18.40
N ARG A 152 -14.72 25.30 -17.52
CA ARG A 152 -13.91 24.64 -16.52
C ARG A 152 -14.52 24.83 -15.14
N PHE A 153 -14.75 23.74 -14.44
CA PHE A 153 -15.34 23.78 -13.11
C PHE A 153 -14.64 22.78 -12.21
N SER A 154 -14.62 23.09 -10.91
CA SER A 154 -14.01 22.22 -9.92
C SER A 154 -15.02 21.47 -9.05
N SER A 155 -16.21 22.02 -8.87
CA SER A 155 -17.24 21.36 -8.07
C SER A 155 -18.61 21.77 -8.61
N ILE A 156 -19.60 20.95 -8.33
CA ILE A 156 -20.98 21.18 -8.82
C ILE A 156 -21.67 22.00 -7.74
N THR A 157 -21.48 23.32 -7.80
CA THR A 157 -22.16 24.26 -6.92
C THR A 157 -22.70 25.40 -7.77
N ASP A 158 -23.68 26.11 -7.22
CA ASP A 158 -24.32 27.19 -7.97
C ASP A 158 -23.29 28.25 -8.36
N THR A 159 -22.49 28.71 -7.40
CA THR A 159 -21.52 29.75 -7.67
C THR A 159 -20.46 29.29 -8.67
N ASP A 160 -19.98 28.06 -8.51
CA ASP A 160 -18.95 27.54 -9.42
C ASP A 160 -19.48 27.43 -10.84
N ILE A 161 -20.71 26.92 -11.01
CA ILE A 161 -21.27 26.76 -12.34
C ILE A 161 -21.55 28.11 -12.97
N CYS A 162 -22.07 29.07 -12.21
CA CYS A 162 -22.31 30.41 -12.75
C CYS A 162 -21.00 31.07 -13.16
N ASN A 163 -19.95 30.93 -12.35
CA ASN A 163 -18.65 31.47 -12.71
C ASN A 163 -18.09 30.81 -13.95
N ALA A 164 -18.25 29.49 -14.07
CA ALA A 164 -17.77 28.78 -15.24
C ALA A 164 -18.50 29.24 -16.50
N MET A 165 -19.79 29.52 -16.40
CA MET A 165 -20.50 30.09 -17.53
C MET A 165 -20.06 31.53 -17.80
N ALA A 166 -19.65 32.25 -16.77
CA ALA A 166 -19.19 33.61 -16.95
C ALA A 166 -17.87 33.65 -17.72
N CYS A 167 -16.92 32.79 -17.36
CA CYS A 167 -15.61 32.76 -18.01
C CYS A 167 -15.48 31.47 -18.82
N LEU A 168 -15.33 31.61 -20.13
CA LEU A 168 -15.26 30.49 -21.05
C LEU A 168 -13.92 30.50 -21.78
N GLY A 169 -13.43 29.32 -22.12
CA GLY A 169 -12.17 29.15 -22.77
C GLY A 169 -12.28 28.29 -24.02
N GLU A 170 -11.18 27.59 -24.33
CA GLU A 170 -11.06 26.72 -25.47
C GLU A 170 -10.49 25.38 -25.06
N PRO A 171 -10.80 24.31 -25.80
CA PRO A 171 -10.33 22.98 -25.40
C PRO A 171 -8.83 22.81 -25.62
N ASP A 172 -8.27 21.78 -24.98
CA ASP A 172 -6.82 21.55 -24.99
C ASP A 172 -6.51 20.37 -25.92
N HIS A 173 -6.15 20.73 -27.16
CA HIS A 173 -5.77 19.72 -28.14
C HIS A 173 -4.55 18.93 -27.68
N ASN A 174 -3.71 19.52 -26.84
CA ASN A 174 -2.53 18.81 -26.36
C ASN A 174 -2.91 17.66 -25.44
N GLU A 175 -3.84 17.91 -24.51
CA GLU A 175 -4.31 16.81 -23.66
C GLU A 175 -5.07 15.78 -24.47
N ALA A 176 -5.86 16.23 -25.45
CA ALA A 176 -6.55 15.28 -26.32
C ALA A 176 -5.55 14.37 -27.03
N LEU A 177 -4.46 14.96 -27.56
CA LEU A 177 -3.45 14.18 -28.25
C LEU A 177 -2.73 13.24 -27.30
N SER A 178 -2.52 13.68 -26.06
CA SER A 178 -1.87 12.80 -25.08
C SER A 178 -2.71 11.55 -24.82
N VAL A 179 -4.02 11.73 -24.62
CA VAL A 179 -4.88 10.57 -24.40
C VAL A 179 -4.93 9.69 -25.64
N ASP A 180 -4.98 10.30 -26.83
CA ASP A 180 -4.99 9.51 -28.05
C ASP A 180 -3.71 8.68 -28.18
N ALA A 181 -2.56 9.29 -27.85
CA ALA A 181 -1.30 8.56 -27.89
C ALA A 181 -1.29 7.40 -26.92
N ARG A 182 -1.81 7.62 -25.70
CA ARG A 182 -1.86 6.53 -24.73
C ARG A 182 -2.74 5.38 -25.23
N GLN A 183 -3.91 5.71 -25.80
CA GLN A 183 -4.79 4.68 -26.32
C GLN A 183 -4.13 3.90 -27.44
N GLU A 184 -3.49 4.61 -28.37
CA GLU A 184 -2.84 3.95 -29.49
C GLU A 184 -1.71 3.04 -29.02
N LEU A 185 -0.91 3.53 -28.06
CA LEU A 185 0.18 2.72 -27.53
C LEU A 185 -0.34 1.46 -26.87
N ASP A 186 -1.38 1.59 -26.03
CA ASP A 186 -1.93 0.43 -25.36
C ASP A 186 -2.46 -0.58 -26.36
N LEU A 187 -3.20 -0.12 -27.36
CA LEU A 187 -3.73 -1.03 -28.37
C LEU A 187 -2.61 -1.75 -29.09
N ARG A 188 -1.63 -1.00 -29.60
CA ARG A 188 -0.60 -1.60 -30.44
C ARG A 188 0.33 -2.52 -29.66
N ILE A 189 0.49 -2.32 -28.35
CA ILE A 189 1.30 -3.25 -27.58
C ILE A 189 0.49 -4.49 -27.20
N GLY A 190 -0.69 -4.27 -26.61
CA GLY A 190 -1.48 -5.38 -26.13
C GLY A 190 -1.88 -6.33 -27.23
N CYS A 191 -2.38 -5.79 -28.35
CA CYS A 191 -2.84 -6.66 -29.43
C CYS A 191 -1.70 -7.49 -29.99
N ALA A 192 -0.54 -6.87 -30.24
CA ALA A 192 0.58 -7.60 -30.82
C ALA A 192 1.05 -8.70 -29.88
N PHE A 193 1.25 -8.38 -28.60
CA PHE A 193 1.74 -9.39 -27.68
C PHE A 193 0.73 -10.51 -27.49
N THR A 194 -0.55 -10.18 -27.39
CA THR A 194 -1.58 -11.20 -27.21
C THR A 194 -1.65 -12.13 -28.41
N ARG A 195 -1.66 -11.57 -29.63
CA ARG A 195 -1.73 -12.43 -30.80
C ARG A 195 -0.48 -13.26 -31.00
N PHE A 196 0.68 -12.78 -30.55
CA PHE A 196 1.84 -13.68 -30.63
C PHE A 196 1.74 -14.80 -29.61
N GLN A 197 1.42 -14.46 -28.36
CA GLN A 197 1.45 -15.45 -27.28
C GLN A 197 0.38 -16.51 -27.47
N THR A 198 -0.87 -16.10 -27.69
CA THR A 198 -1.95 -17.07 -27.76
C THR A 198 -1.88 -17.92 -29.03
N LYS A 199 -1.25 -17.43 -30.09
CA LYS A 199 -1.09 -18.22 -31.29
C LYS A 199 0.17 -19.07 -31.26
N TYR A 200 1.11 -18.77 -30.36
CA TYR A 200 2.26 -19.66 -30.18
C TYR A 200 1.94 -20.79 -29.22
N PHE A 201 1.31 -20.49 -28.10
CA PHE A 201 1.07 -21.50 -27.08
C PHE A 201 -0.11 -22.41 -27.42
N GLN A 202 -0.97 -22.02 -28.35
CA GLN A 202 -2.03 -22.90 -28.81
C GLN A 202 -1.57 -23.91 -29.84
N GLY A 203 -0.38 -23.73 -30.41
CA GLY A 203 0.18 -24.65 -31.37
C GLY A 203 1.20 -25.61 -30.81
N LYS A 204 1.53 -25.50 -29.53
CA LYS A 204 2.48 -26.40 -28.90
C LYS A 204 1.89 -27.21 -27.76
N TYR A 205 0.97 -26.63 -26.98
CA TYR A 205 0.37 -27.31 -25.85
C TYR A 205 -1.13 -27.42 -26.07
N GLY A 206 -1.65 -28.65 -26.05
CA GLY A 206 -3.06 -28.87 -26.26
C GLY A 206 -3.93 -28.52 -25.08
N ASP A 207 -3.36 -28.48 -23.88
CA ASP A 207 -4.14 -28.10 -22.70
C ASP A 207 -4.55 -26.64 -22.75
N LEU A 208 -3.75 -25.80 -23.41
CA LEU A 208 -4.02 -24.38 -23.50
C LEU A 208 -4.81 -23.99 -24.75
N ASP A 209 -5.22 -24.97 -25.55
CA ASP A 209 -5.99 -24.67 -26.75
C ASP A 209 -7.36 -24.11 -26.33
N SER A 210 -7.91 -23.25 -27.19
CA SER A 210 -9.16 -22.56 -26.93
C SER A 210 -9.09 -21.72 -25.66
N SER A 211 -7.91 -21.21 -25.35
CA SER A 211 -7.69 -20.34 -24.21
C SER A 211 -6.91 -19.11 -24.66
N LEU A 212 -7.31 -17.95 -24.15
CA LEU A 212 -6.70 -16.68 -24.54
C LEU A 212 -5.64 -16.29 -23.53
N ILE A 213 -4.42 -16.10 -24.01
CA ILE A 213 -3.30 -15.64 -23.19
C ILE A 213 -3.03 -14.19 -23.59
N SER A 214 -3.22 -13.27 -22.65
CA SER A 214 -3.21 -11.85 -22.96
C SER A 214 -2.11 -11.13 -22.21
N PHE A 215 -1.58 -10.09 -22.84
CA PHE A 215 -0.57 -9.22 -22.26
C PHE A 215 -1.08 -7.79 -22.30
N GLY A 216 -0.75 -7.02 -21.27
CA GLY A 216 -1.17 -5.64 -21.20
C GLY A 216 -0.37 -4.84 -20.20
N PRO A 217 -0.37 -3.52 -20.37
CA PRO A 217 0.39 -2.67 -19.44
C PRO A 217 -0.12 -2.69 -18.01
N CYS A 218 -1.33 -3.17 -17.77
CA CYS A 218 -1.93 -3.17 -16.43
C CYS A 218 -2.15 -4.57 -15.87
N GLN A 219 -2.77 -5.46 -16.64
CA GLN A 219 -3.10 -6.78 -16.12
C GLN A 219 -1.84 -7.61 -15.87
N THR A 220 -0.81 -7.42 -16.69
CA THR A 220 0.43 -8.15 -16.44
C THR A 220 1.10 -7.73 -15.13
N PRO A 221 1.27 -6.45 -14.81
CA PRO A 221 1.73 -6.10 -13.45
C PRO A 221 0.79 -6.54 -12.35
N THR A 222 -0.53 -6.51 -12.60
CA THR A 222 -1.47 -6.97 -11.59
C THR A 222 -1.23 -8.44 -11.27
N LEU A 223 -0.99 -9.27 -12.29
CA LEU A 223 -0.66 -10.67 -12.05
C LEU A 223 0.72 -10.80 -11.42
N GLY A 224 1.65 -9.91 -11.79
CA GLY A 224 2.98 -9.96 -11.22
C GLY A 224 3.01 -9.74 -9.73
N PHE A 225 2.11 -8.88 -9.23
CA PHE A 225 2.00 -8.71 -7.77
C PHE A 225 1.71 -10.04 -7.08
N CYS A 226 0.69 -10.75 -7.56
CA CYS A 226 0.31 -12.02 -6.95
C CYS A 226 1.41 -13.06 -7.10
N VAL A 227 2.07 -13.09 -8.26
CA VAL A 227 3.14 -14.07 -8.46
C VAL A 227 4.32 -13.76 -7.54
N GLU A 228 4.61 -12.47 -7.31
CA GLU A 228 5.66 -12.10 -6.38
C GLU A 228 5.32 -12.55 -4.96
N ARG A 229 4.05 -12.37 -4.56
CA ARG A 229 3.64 -12.85 -3.25
C ARG A 229 3.78 -14.37 -3.15
N HIS A 230 3.41 -15.08 -4.21
CA HIS A 230 3.56 -16.54 -4.21
C HIS A 230 5.02 -16.95 -4.09
N ASP A 231 5.91 -16.25 -4.80
CA ASP A 231 7.33 -16.53 -4.70
C ASP A 231 7.85 -16.30 -3.28
N LYS A 232 7.41 -15.20 -2.66
CA LYS A 232 7.81 -14.93 -1.28
C LYS A 232 7.31 -16.01 -0.34
N ILE A 233 6.10 -16.51 -0.57
CA ILE A 233 5.57 -17.59 0.27
C ILE A 233 6.41 -18.85 0.08
N GLN A 234 6.75 -19.17 -1.17
CA GLN A 234 7.50 -20.39 -1.43
C GLN A 234 8.90 -20.34 -0.83
N SER A 235 9.58 -19.20 -0.98
CA SER A 235 10.95 -19.06 -0.46
C SER A 235 10.90 -18.50 0.95
N PHE A 236 10.39 -19.33 1.87
CA PHE A 236 10.26 -18.96 3.27
C PHE A 236 10.87 -20.04 4.14
N LYS A 237 11.73 -19.64 5.07
CA LYS A 237 12.33 -20.56 6.03
C LYS A 237 11.81 -20.25 7.42
N PRO A 238 10.97 -21.11 8.01
CA PRO A 238 10.48 -20.86 9.36
C PRO A 238 11.58 -20.93 10.41
N GLU A 239 11.40 -20.18 11.48
CA GLU A 239 12.31 -20.18 12.62
C GLU A 239 11.56 -20.67 13.86
N THR A 240 12.27 -20.74 14.98
CA THR A 240 11.78 -21.37 16.19
C THR A 240 12.03 -20.49 17.41
N TYR A 241 11.64 -19.23 17.33
CA TYR A 241 11.89 -18.30 18.42
C TYR A 241 11.08 -18.65 19.67
N TRP A 242 11.62 -18.27 20.82
CA TRP A 242 11.01 -18.56 22.12
C TRP A 242 10.54 -17.27 22.77
N VAL A 243 9.40 -17.35 23.45
CA VAL A 243 8.89 -16.26 24.27
C VAL A 243 8.82 -16.75 25.70
N LEU A 244 8.61 -15.81 26.62
CA LEU A 244 8.62 -16.11 28.05
C LEU A 244 7.53 -15.29 28.72
N GLN A 245 6.46 -15.95 29.15
CA GLN A 245 5.33 -15.28 29.79
C GLN A 245 5.11 -15.86 31.18
N ALA A 246 4.66 -15.00 32.09
CA ALA A 246 4.44 -15.37 33.48
C ALA A 246 3.06 -14.93 33.93
N LYS A 247 2.46 -15.71 34.81
CA LYS A 247 1.15 -15.42 35.37
C LYS A 247 1.30 -15.01 36.83
N VAL A 248 0.61 -13.94 37.23
CA VAL A 248 0.72 -13.37 38.56
C VAL A 248 -0.68 -13.30 39.17
N ASN A 249 -0.80 -13.76 40.41
CA ASN A 249 -2.07 -13.77 41.13
C ASN A 249 -2.22 -12.43 41.87
N THR A 250 -3.03 -11.53 41.31
CA THR A 250 -3.27 -10.25 41.96
C THR A 250 -4.20 -10.41 43.16
N ASP A 251 -5.23 -11.23 43.02
CA ASP A 251 -6.19 -11.51 44.07
C ASP A 251 -6.15 -13.01 44.39
N LYS A 252 -7.09 -13.44 45.24
CA LYS A 252 -7.16 -14.86 45.58
C LYS A 252 -7.49 -15.71 44.37
N ASP A 253 -8.35 -15.20 43.49
CA ASP A 253 -8.81 -15.96 42.32
C ASP A 253 -8.61 -15.18 41.02
N ARG A 254 -7.83 -14.11 41.03
CA ARG A 254 -7.59 -13.30 39.85
C ARG A 254 -6.15 -13.52 39.37
N SER A 255 -6.00 -13.88 38.11
CA SER A 255 -4.70 -14.18 37.51
C SER A 255 -4.49 -13.28 36.29
N LEU A 256 -3.31 -12.69 36.20
CA LEU A 256 -2.94 -11.79 35.12
C LEU A 256 -1.82 -12.41 34.31
N LEU A 257 -1.95 -12.37 32.98
CA LEU A 257 -0.96 -12.91 32.06
C LEU A 257 -0.05 -11.78 31.61
N LEU A 258 1.20 -11.82 32.04
CA LEU A 258 2.16 -10.76 31.73
C LEU A 258 2.87 -11.04 30.42
N ASP A 259 3.38 -9.98 29.81
CA ASP A 259 4.10 -10.05 28.55
C ASP A 259 5.54 -9.58 28.77
N TRP A 260 6.49 -10.36 28.25
CA TRP A 260 7.90 -10.02 28.36
C TRP A 260 8.21 -8.77 27.55
N ASP A 261 8.97 -7.85 28.14
CA ASP A 261 9.36 -6.65 27.40
C ASP A 261 10.30 -7.00 26.25
N ARG A 262 11.29 -7.85 26.50
CA ARG A 262 12.04 -8.49 25.42
C ARG A 262 11.08 -9.45 24.73
N VAL A 263 10.60 -9.08 23.55
CA VAL A 263 9.44 -9.76 22.98
C VAL A 263 9.81 -11.19 22.58
N ARG A 264 10.94 -11.37 21.90
CA ARG A 264 11.35 -12.67 21.39
C ARG A 264 12.83 -12.91 21.67
N VAL A 265 13.20 -14.19 21.72
CA VAL A 265 14.59 -14.62 21.76
C VAL A 265 14.74 -15.80 20.81
N PHE A 266 15.72 -15.72 19.90
CA PHE A 266 15.92 -16.74 18.89
C PHE A 266 17.01 -17.73 19.25
N ASP A 267 17.52 -17.70 20.49
CA ASP A 267 18.53 -18.63 20.95
C ASP A 267 18.00 -19.42 22.12
N ARG A 268 18.00 -20.75 22.00
CA ARG A 268 17.42 -21.60 23.03
C ARG A 268 18.17 -21.46 24.35
N GLU A 269 19.50 -21.38 24.30
CA GLU A 269 20.27 -21.27 25.53
C GLU A 269 19.99 -19.95 26.24
N ILE A 270 19.86 -18.86 25.48
CA ILE A 270 19.56 -17.57 26.08
C ILE A 270 18.16 -17.59 26.70
N ALA A 271 17.19 -18.16 26.01
CA ALA A 271 15.86 -18.30 26.59
C ALA A 271 15.91 -19.14 27.85
N GLN A 272 16.70 -20.21 27.85
CA GLN A 272 16.79 -21.08 29.02
C GLN A 272 17.40 -20.36 30.20
N MET A 273 18.45 -19.57 29.98
CA MET A 273 19.05 -18.85 31.11
C MET A 273 18.09 -17.79 31.64
N PHE A 274 17.35 -17.13 30.75
CA PHE A 274 16.39 -16.14 31.21
C PHE A 274 15.28 -16.79 32.03
N LEU A 275 14.84 -17.98 31.63
CA LEU A 275 13.90 -18.73 32.45
C LEU A 275 14.52 -19.15 33.77
N ASN A 276 15.80 -19.51 33.76
CA ASN A 276 16.48 -19.92 34.99
C ASN A 276 16.54 -18.79 35.99
N MET A 277 16.71 -17.55 35.52
CA MET A 277 16.70 -16.41 36.42
C MET A 277 15.34 -16.17 37.05
N THR A 278 14.27 -16.71 36.48
CA THR A 278 12.91 -16.39 36.91
C THR A 278 12.12 -17.60 37.42
N LYS A 279 12.77 -18.74 37.66
CA LYS A 279 12.04 -19.91 38.15
C LYS A 279 11.69 -19.76 39.63
N LEU A 280 12.70 -19.72 40.48
CA LEU A 280 12.49 -19.69 41.93
C LEU A 280 12.26 -18.27 42.43
N GLU A 281 11.33 -17.58 41.80
CA GLU A 281 10.93 -16.23 42.20
C GLU A 281 9.42 -16.22 42.36
N LYS A 282 8.94 -16.15 43.60
CA LYS A 282 7.52 -16.24 43.89
C LYS A 282 6.92 -14.91 44.32
N GLU A 283 7.68 -13.82 44.23
CA GLU A 283 7.18 -12.49 44.57
C GLU A 283 7.48 -11.54 43.42
N ALA A 284 6.43 -11.05 42.76
CA ALA A 284 6.59 -10.01 41.76
C ALA A 284 6.72 -8.65 42.43
N GLN A 285 7.02 -7.64 41.62
CA GLN A 285 7.27 -6.29 42.14
C GLN A 285 6.81 -5.28 41.11
N VAL A 286 5.91 -4.40 41.51
CA VAL A 286 5.35 -3.39 40.61
C VAL A 286 6.29 -2.19 40.57
N GLU A 287 6.53 -1.66 39.38
CA GLU A 287 7.39 -0.50 39.22
C GLU A 287 6.70 0.71 38.59
N ALA A 288 5.90 0.50 37.55
CA ALA A 288 5.34 1.61 36.78
C ALA A 288 3.85 1.44 36.60
N THR A 289 3.19 2.55 36.28
CA THR A 289 1.75 2.58 36.05
C THR A 289 1.46 3.69 35.06
N SER A 290 0.60 3.42 34.09
CA SER A 290 0.24 4.41 33.07
C SER A 290 -1.27 4.48 32.95
N ARG A 291 -1.78 5.69 32.70
CA ARG A 291 -3.21 5.92 32.57
C ARG A 291 -3.48 6.87 31.41
N LYS A 292 -2.80 6.65 30.28
CA LYS A 292 -2.94 7.55 29.15
C LYS A 292 -4.31 7.39 28.50
N GLU A 293 -4.89 8.51 28.09
CA GLU A 293 -6.22 8.55 27.47
C GLU A 293 -6.06 8.89 26.00
N LYS A 294 -6.08 7.87 25.15
CA LYS A 294 -5.89 8.04 23.72
C LYS A 294 -7.24 8.23 23.03
N ALA A 295 -7.23 8.18 21.70
CA ALA A 295 -8.45 8.29 20.91
C ALA A 295 -8.27 7.53 19.60
N LYS A 296 -9.39 7.13 19.02
CA LYS A 296 -9.43 6.47 17.72
C LYS A 296 -10.06 7.42 16.71
N GLN A 297 -9.36 7.69 15.62
CA GLN A 297 -9.82 8.68 14.67
C GLN A 297 -11.01 8.14 13.87
N ARG A 298 -12.00 9.00 13.65
CA ARG A 298 -13.14 8.64 12.85
C ARG A 298 -12.74 8.51 11.38
N PRO A 299 -13.43 7.68 10.62
CA PRO A 299 -13.04 7.44 9.23
C PRO A 299 -13.22 8.68 8.36
N LEU A 300 -12.44 8.74 7.28
CA LEU A 300 -12.57 9.78 6.28
C LEU A 300 -13.80 9.53 5.43
N ALA A 301 -14.09 10.47 4.54
CA ALA A 301 -15.22 10.31 3.63
C ALA A 301 -14.97 9.13 2.70
N LEU A 302 -16.07 8.52 2.24
CA LEU A 302 -15.95 7.26 1.52
C LEU A 302 -15.35 7.46 0.14
N ASN A 303 -14.34 6.66 -0.16
CA ASN A 303 -13.67 6.64 -1.45
C ASN A 303 -14.10 5.40 -2.20
N THR A 304 -13.96 5.43 -3.53
CA THR A 304 -14.29 4.24 -4.30
C THR A 304 -13.33 3.09 -3.99
N VAL A 305 -12.05 3.42 -3.78
CA VAL A 305 -11.07 2.39 -3.44
C VAL A 305 -11.40 1.79 -2.08
N GLU A 306 -11.72 2.62 -1.10
CA GLU A 306 -12.06 2.12 0.22
C GLU A 306 -13.34 1.30 0.19
N MET A 307 -14.32 1.73 -0.61
CA MET A 307 -15.55 0.97 -0.75
C MET A 307 -15.29 -0.41 -1.34
N LEU A 308 -14.47 -0.48 -2.39
CA LEU A 308 -14.12 -1.78 -2.96
C LEU A 308 -13.37 -2.64 -1.95
N ARG A 309 -12.44 -2.04 -1.21
CA ARG A 309 -11.67 -2.79 -0.22
C ARG A 309 -12.58 -3.38 0.84
N VAL A 310 -13.51 -2.58 1.37
CA VAL A 310 -14.39 -3.06 2.43
C VAL A 310 -15.38 -4.09 1.88
N ALA A 311 -15.90 -3.87 0.68
CA ALA A 311 -16.79 -4.84 0.06
C ALA A 311 -16.11 -6.18 -0.13
N SER A 312 -14.81 -6.17 -0.48
CA SER A 312 -14.08 -7.41 -0.64
C SER A 312 -13.76 -8.06 0.70
N SER A 313 -13.39 -7.25 1.70
CA SER A 313 -12.91 -7.82 2.96
C SER A 313 -14.07 -8.28 3.84
N SER A 314 -14.96 -7.37 4.19
CA SER A 314 -16.02 -7.67 5.17
C SER A 314 -17.26 -8.25 4.49
N LEU A 315 -17.81 -7.52 3.52
CA LEU A 315 -19.05 -7.95 2.89
C LEU A 315 -18.88 -9.26 2.15
N GLY A 316 -17.78 -9.40 1.41
CA GLY A 316 -17.52 -10.63 0.69
C GLY A 316 -17.97 -10.60 -0.76
N MET A 317 -17.70 -9.50 -1.44
CA MET A 317 -18.08 -9.33 -2.84
C MET A 317 -16.85 -8.98 -3.66
N GLY A 318 -16.85 -9.42 -4.91
CA GLY A 318 -15.78 -9.09 -5.82
C GLY A 318 -15.83 -7.64 -6.23
N PRO A 319 -14.72 -7.10 -6.73
CA PRO A 319 -14.70 -5.69 -7.14
C PRO A 319 -15.72 -5.35 -8.21
N GLN A 320 -15.83 -6.18 -9.25
CA GLN A 320 -16.79 -5.86 -10.31
C GLN A 320 -18.23 -6.01 -9.84
N HIS A 321 -18.50 -7.02 -8.99
CA HIS A 321 -19.84 -7.16 -8.44
C HIS A 321 -20.20 -5.95 -7.57
N ALA A 322 -19.26 -5.49 -6.75
CA ALA A 322 -19.50 -4.30 -5.93
C ALA A 322 -19.74 -3.08 -6.80
N MET A 323 -18.96 -2.93 -7.88
CA MET A 323 -19.14 -1.79 -8.77
C MET A 323 -20.49 -1.82 -9.46
N GLN A 324 -20.93 -3.01 -9.90
CA GLN A 324 -22.24 -3.13 -10.52
C GLN A 324 -23.35 -2.81 -9.54
N THR A 325 -23.23 -3.30 -8.30
CA THR A 325 -24.24 -2.98 -7.28
C THR A 325 -24.28 -1.48 -7.00
N ALA A 326 -23.11 -0.85 -6.90
CA ALA A 326 -23.07 0.59 -6.65
C ALA A 326 -23.66 1.36 -7.82
N GLU A 327 -23.41 0.90 -9.05
CA GLU A 327 -23.98 1.56 -10.22
C GLU A 327 -25.50 1.43 -10.23
N ARG A 328 -26.02 0.25 -9.87
CA ARG A 328 -27.47 0.08 -9.79
C ARG A 328 -28.07 1.00 -8.74
N LEU A 329 -27.43 1.09 -7.57
CA LEU A 329 -27.93 1.99 -6.52
C LEU A 329 -27.89 3.44 -6.98
N TYR A 330 -26.82 3.84 -7.66
CA TYR A 330 -26.70 5.21 -8.13
C TYR A 330 -27.74 5.53 -9.19
N THR A 331 -27.99 4.59 -10.11
CA THR A 331 -29.04 4.80 -11.11
C THR A 331 -30.41 4.92 -10.46
N GLN A 332 -30.68 4.06 -9.48
CA GLN A 332 -31.96 4.14 -8.79
C GLN A 332 -32.08 5.37 -7.89
N GLY A 333 -30.98 6.08 -7.65
CA GLY A 333 -31.03 7.30 -6.88
C GLY A 333 -30.80 7.13 -5.39
N TYR A 334 -30.07 6.10 -4.97
CA TYR A 334 -29.87 5.84 -3.55
C TYR A 334 -28.51 6.30 -3.04
N ILE A 335 -27.46 6.22 -3.85
CA ILE A 335 -26.14 6.70 -3.46
C ILE A 335 -25.62 7.64 -4.54
N SER A 336 -24.68 8.49 -4.15
CA SER A 336 -24.13 9.50 -5.06
C SER A 336 -23.10 8.91 -6.01
N PTR A 337 -22.19 9.51 -6.93
CA PTR A 337 -21.37 8.88 -7.97
C PTR A 337 -20.28 8.04 -7.32
O PTR A 337 -19.42 8.56 -6.62
CB PTR A 337 -20.76 9.94 -8.90
CG PTR A 337 -20.33 9.40 -10.24
CD1 PTR A 337 -19.02 9.02 -10.47
CD2 PTR A 337 -21.25 9.24 -11.26
CE1 PTR A 337 -18.63 8.53 -11.70
CE2 PTR A 337 -20.86 8.73 -12.49
CZ PTR A 337 -19.55 8.39 -12.71
OH PTR A 337 -19.21 7.91 -13.86
P PTR A 337 -17.84 8.27 -14.62
O1P PTR A 337 -17.52 9.70 -14.39
O2P PTR A 337 -16.70 7.40 -14.09
O3P PTR A 337 -18.04 8.00 -16.12
N PRO A 338 -20.32 6.71 -7.56
CA PRO A 338 -19.44 5.75 -6.91
C PRO A 338 -18.07 5.54 -7.57
N ARG A 339 -17.57 6.53 -8.30
CA ARG A 339 -16.29 6.41 -9.00
C ARG A 339 -15.45 7.66 -8.80
N THR A 340 -15.32 8.11 -7.55
CA THR A 340 -14.60 9.32 -7.23
C THR A 340 -13.44 9.03 -6.28
N GLU A 341 -12.39 9.84 -6.39
CA GLU A 341 -11.26 9.81 -5.46
C GLU A 341 -11.26 10.98 -4.49
N THR A 342 -12.38 11.68 -4.34
CA THR A 342 -12.48 12.75 -3.36
C THR A 342 -12.86 12.17 -2.01
N THR A 343 -12.06 12.48 -0.98
CA THR A 343 -12.35 12.07 0.39
C THR A 343 -12.59 13.27 1.30
N HIS A 344 -13.03 14.39 0.73
CA HIS A 344 -13.26 15.63 1.48
C HIS A 344 -14.58 16.23 1.04
N TYR A 345 -15.46 16.46 2.01
CA TYR A 345 -16.79 16.96 1.71
C TYR A 345 -16.72 18.40 1.20
N PRO A 346 -17.60 18.77 0.28
CA PRO A 346 -17.66 20.16 -0.17
C PRO A 346 -18.07 21.09 0.97
N GLU A 347 -17.63 22.35 0.87
CA GLU A 347 -17.89 23.31 1.94
C GLU A 347 -19.36 23.64 2.09
N ASN A 348 -20.20 23.31 1.10
CA ASN A 348 -21.63 23.61 1.15
C ASN A 348 -22.47 22.34 1.17
N PHE A 349 -21.88 21.19 1.48
CA PHE A 349 -22.65 19.97 1.54
C PHE A 349 -23.63 20.01 2.71
N ASP A 350 -24.85 19.52 2.48
CA ASP A 350 -25.91 19.59 3.47
C ASP A 350 -25.88 18.32 4.33
N LEU A 351 -24.89 18.27 5.22
CA LEU A 351 -24.71 17.10 6.07
C LEU A 351 -25.87 16.92 7.04
N LYS A 352 -26.33 18.01 7.66
CA LYS A 352 -27.38 17.89 8.68
C LYS A 352 -28.70 17.41 8.08
N GLY A 353 -28.90 17.61 6.78
CA GLY A 353 -30.14 17.18 6.15
C GLY A 353 -30.07 15.76 5.63
N SER A 354 -28.92 15.40 5.03
CA SER A 354 -28.74 14.01 4.60
C SER A 354 -28.74 13.05 5.78
N LEU A 355 -28.33 13.54 6.96
CA LEU A 355 -28.38 12.71 8.16
C LEU A 355 -29.80 12.59 8.69
N ARG A 356 -30.65 13.60 8.42
CA ARG A 356 -32.02 13.57 8.92
C ARG A 356 -32.91 12.60 8.15
N GLN A 357 -32.48 12.16 6.96
CA GLN A 357 -33.24 11.15 6.24
C GLN A 357 -33.14 9.79 6.92
N GLN A 358 -31.94 9.42 7.36
CA GLN A 358 -31.74 8.19 8.11
C GLN A 358 -32.08 8.36 9.59
N ALA A 359 -33.29 8.84 9.86
CA ALA A 359 -33.74 9.07 11.22
C ALA A 359 -34.90 8.19 11.63
N ASN A 360 -35.33 7.27 10.78
CA ASN A 360 -36.43 6.38 11.09
C ASN A 360 -36.07 4.90 11.00
N HIS A 361 -34.89 4.56 10.48
CA HIS A 361 -34.50 3.16 10.38
C HIS A 361 -34.19 2.61 11.77
N PRO A 362 -34.81 1.50 12.18
CA PRO A 362 -34.59 0.99 13.54
C PRO A 362 -33.16 0.59 13.85
N TYR A 363 -32.33 0.34 12.83
CA TYR A 363 -30.96 -0.09 13.09
C TYR A 363 -30.15 1.00 13.78
N TRP A 364 -30.34 2.25 13.36
CA TRP A 364 -29.54 3.35 13.91
C TRP A 364 -30.40 4.58 14.18
N ALA A 365 -31.66 4.40 14.54
CA ALA A 365 -32.52 5.54 14.83
C ALA A 365 -32.04 6.30 16.07
N ASP A 366 -31.62 5.58 17.11
CA ASP A 366 -31.22 6.23 18.35
C ASP A 366 -29.95 7.06 18.17
N THR A 367 -28.98 6.54 17.42
CA THR A 367 -27.71 7.24 17.26
C THR A 367 -27.88 8.56 16.51
N VAL A 368 -28.68 8.56 15.44
CA VAL A 368 -28.84 9.76 14.64
C VAL A 368 -29.63 10.82 15.41
N LYS A 369 -30.69 10.41 16.10
CA LYS A 369 -31.48 11.37 16.87
C LYS A 369 -30.66 12.02 17.97
N ARG A 370 -29.81 11.23 18.63
CA ARG A 370 -28.91 11.79 19.63
C ARG A 370 -27.90 12.74 19.00
N LEU A 371 -27.37 12.37 17.83
CA LEU A 371 -26.35 13.19 17.19
C LEU A 371 -26.90 14.55 16.77
N LEU A 372 -28.09 14.58 16.19
CA LEU A 372 -28.66 15.84 15.74
C LEU A 372 -29.10 16.71 16.91
N ALA A 373 -29.39 16.10 18.06
CA ALA A 373 -29.81 16.87 19.23
C ALA A 373 -28.63 17.58 19.87
N GLU A 374 -27.48 16.92 19.98
CA GLU A 374 -26.31 17.48 20.62
C GLU A 374 -25.30 18.06 19.64
N GLY A 375 -25.67 18.17 18.37
CA GLY A 375 -24.77 18.74 17.39
C GLY A 375 -23.92 17.70 16.71
N ILE A 376 -23.51 18.01 15.48
CA ILE A 376 -22.69 17.12 14.68
C ILE A 376 -21.24 17.54 14.80
N ASN A 377 -20.35 16.65 14.40
CA ASN A 377 -18.91 16.92 14.38
C ASN A 377 -18.47 17.20 12.96
N ARG A 378 -17.60 18.19 12.81
CA ARG A 378 -17.10 18.54 11.49
C ARG A 378 -16.29 17.38 10.93
N PRO A 379 -16.57 16.94 9.70
CA PRO A 379 -15.82 15.82 9.14
C PRO A 379 -14.35 16.16 8.93
N ARG A 380 -13.52 15.13 8.96
CA ARG A 380 -12.09 15.33 8.83
C ARG A 380 -11.73 15.89 7.46
N LYS A 381 -10.79 16.85 7.45
CA LYS A 381 -10.30 17.39 6.20
C LYS A 381 -9.51 16.34 5.44
N GLY A 382 -9.74 16.26 4.13
CA GLY A 382 -9.11 15.24 3.33
C GLY A 382 -8.64 15.74 1.98
N HIS A 383 -8.52 14.82 1.02
CA HIS A 383 -8.02 15.15 -0.30
C HIS A 383 -9.19 15.44 -1.24
N ASP A 384 -9.10 16.57 -1.93
CA ASP A 384 -10.10 16.97 -2.93
C ASP A 384 -9.43 16.91 -4.29
N ALA A 385 -9.84 15.94 -5.11
CA ALA A 385 -9.22 15.69 -6.40
C ALA A 385 -9.95 16.38 -7.56
N GLY A 386 -10.98 17.17 -7.27
CA GLY A 386 -11.76 17.79 -8.31
C GLY A 386 -12.81 16.91 -8.94
N ASP A 387 -12.92 15.66 -8.49
CA ASP A 387 -13.91 14.73 -9.00
C ASP A 387 -15.22 14.93 -8.24
N HIS A 388 -16.14 14.00 -8.39
CA HIS A 388 -17.43 14.07 -7.73
C HIS A 388 -17.26 13.96 -6.22
N PRO A 389 -18.24 14.42 -5.45
CA PRO A 389 -18.18 14.30 -3.99
C PRO A 389 -18.13 12.85 -3.56
N PRO A 390 -17.74 12.57 -2.31
CA PRO A 390 -17.61 11.19 -1.87
C PRO A 390 -18.94 10.46 -1.85
N ILE A 391 -18.85 9.13 -1.85
CA ILE A 391 -20.03 8.27 -1.90
C ILE A 391 -20.79 8.41 -0.58
N THR A 392 -21.94 9.06 -0.63
CA THR A 392 -22.81 9.25 0.52
C THR A 392 -24.23 8.86 0.16
N PRO A 393 -25.02 8.39 1.13
CA PRO A 393 -26.43 8.09 0.85
C PRO A 393 -27.19 9.35 0.47
N MET A 394 -28.13 9.20 -0.46
CA MET A 394 -28.94 10.32 -0.92
C MET A 394 -30.43 10.12 -0.71
N LYS A 395 -30.87 8.92 -0.34
CA LYS A 395 -32.28 8.64 -0.15
C LYS A 395 -32.44 7.51 0.86
N SER A 396 -33.54 7.57 1.62
CA SER A 396 -33.80 6.55 2.62
C SER A 396 -34.12 5.22 1.94
N ALA A 397 -33.69 4.13 2.56
CA ALA A 397 -33.90 2.80 2.02
C ALA A 397 -34.14 1.81 3.15
N THR A 398 -34.80 0.71 2.81
CA THR A 398 -35.11 -0.36 3.75
C THR A 398 -34.80 -1.68 3.08
N GLU A 399 -34.52 -2.71 3.90
CA GLU A 399 -34.16 -4.01 3.37
C GLU A 399 -35.23 -4.60 2.48
N ALA A 400 -36.49 -4.17 2.65
CA ALA A 400 -37.55 -4.63 1.77
C ALA A 400 -37.46 -3.97 0.40
N GLU A 401 -37.16 -2.67 0.36
CA GLU A 401 -37.08 -1.95 -0.91
C GLU A 401 -35.91 -2.46 -1.75
N LEU A 402 -34.73 -2.56 -1.15
CA LEU A 402 -33.56 -3.05 -1.84
C LEU A 402 -33.50 -4.58 -1.74
N GLY A 403 -32.58 -5.18 -2.50
CA GLY A 403 -32.41 -6.62 -2.50
C GLY A 403 -31.55 -7.09 -1.34
N GLY A 404 -31.15 -8.36 -1.42
CA GLY A 404 -30.27 -8.92 -0.41
C GLY A 404 -28.81 -8.59 -0.58
N ASP A 405 -28.41 -8.08 -1.74
CA ASP A 405 -27.02 -7.72 -2.00
C ASP A 405 -26.80 -6.23 -2.15
N ALA A 406 -27.79 -5.50 -2.65
CA ALA A 406 -27.69 -4.04 -2.69
C ALA A 406 -27.89 -3.40 -1.33
N TRP A 407 -28.55 -4.10 -0.40
CA TRP A 407 -28.78 -3.56 0.92
C TRP A 407 -27.50 -3.58 1.75
N ARG A 408 -26.70 -4.65 1.62
CA ARG A 408 -25.47 -4.76 2.38
C ARG A 408 -24.49 -3.66 2.00
N LEU A 409 -24.38 -3.35 0.71
CA LEU A 409 -23.54 -2.23 0.30
C LEU A 409 -24.12 -0.90 0.77
N TYR A 410 -25.44 -0.75 0.70
CA TYR A 410 -26.07 0.47 1.18
C TYR A 410 -25.90 0.61 2.69
N GLU A 411 -26.02 -0.49 3.43
CA GLU A 411 -25.91 -0.42 4.89
C GLU A 411 -24.52 0.04 5.30
N TYR A 412 -23.48 -0.45 4.65
CA TYR A 412 -22.13 -0.02 4.99
C TYR A 412 -21.91 1.45 4.64
N ILE A 413 -22.45 1.91 3.52
CA ILE A 413 -22.22 3.28 3.08
C ILE A 413 -22.85 4.26 4.06
N THR A 414 -24.08 3.99 4.49
CA THR A 414 -24.73 4.92 5.41
C THR A 414 -24.15 4.84 6.82
N ARG A 415 -23.68 3.66 7.24
CA ARG A 415 -23.01 3.57 8.53
C ARG A 415 -21.66 4.26 8.49
N HIS A 416 -20.99 4.25 7.34
CA HIS A 416 -19.76 5.01 7.18
C HIS A 416 -20.04 6.51 7.24
N PHE A 417 -21.15 6.96 6.63
CA PHE A 417 -21.47 8.37 6.62
C PHE A 417 -21.71 8.91 8.03
N ILE A 418 -22.43 8.16 8.85
CA ILE A 418 -22.68 8.59 10.23
C ILE A 418 -21.38 8.57 11.02
N ALA A 419 -20.51 7.60 10.74
CA ALA A 419 -19.24 7.52 11.47
C ALA A 419 -18.36 8.74 11.19
N THR A 420 -18.33 9.19 9.94
CA THR A 420 -17.53 10.36 9.59
C THR A 420 -18.01 11.62 10.30
N VAL A 421 -19.28 11.67 10.67
CA VAL A 421 -19.84 12.85 11.32
C VAL A 421 -19.93 12.69 12.84
N SER A 422 -19.82 11.45 13.34
CA SER A 422 -19.90 11.21 14.77
C SER A 422 -18.60 11.60 15.46
N HIS A 423 -18.54 11.36 16.78
CA HIS A 423 -17.38 11.71 17.56
C HIS A 423 -16.31 10.62 17.45
N ASP A 424 -15.19 10.82 18.13
CA ASP A 424 -14.09 9.88 18.16
C ASP A 424 -14.20 8.98 19.38
N CYS A 425 -13.68 7.76 19.25
CA CYS A 425 -13.71 6.80 20.35
C CYS A 425 -12.56 7.09 21.31
N LYS A 426 -12.90 7.39 22.56
CA LYS A 426 -11.92 7.70 23.59
C LYS A 426 -11.82 6.51 24.55
N TYR A 427 -10.61 6.00 24.72
CA TYR A 427 -10.39 4.84 25.57
C TYR A 427 -9.18 5.05 26.45
N LEU A 428 -9.18 4.38 27.59
CA LEU A 428 -8.14 4.51 28.60
C LEU A 428 -7.21 3.31 28.53
N GLN A 429 -5.93 3.56 28.25
CA GLN A 429 -4.93 2.51 28.15
C GLN A 429 -4.14 2.45 29.44
N SER A 430 -4.20 1.30 30.12
CA SER A 430 -3.54 1.10 31.40
C SER A 430 -2.50 0.00 31.26
N THR A 431 -1.27 0.29 31.69
CA THR A 431 -0.19 -0.68 31.68
C THR A 431 0.44 -0.74 33.05
N ILE A 432 0.72 -1.95 33.53
CA ILE A 432 1.41 -2.18 34.79
C ILE A 432 2.68 -2.97 34.51
N SER A 433 3.81 -2.44 34.98
CA SER A 433 5.11 -3.06 34.77
C SER A 433 5.53 -3.82 36.02
N PHE A 434 6.01 -5.05 35.83
CA PHE A 434 6.39 -5.93 36.93
C PHE A 434 7.86 -6.28 36.84
N ARG A 435 8.47 -6.50 38.01
CA ARG A 435 9.84 -7.00 38.13
C ARG A 435 9.80 -8.41 38.72
N ILE A 436 10.04 -9.42 37.88
CA ILE A 436 10.19 -10.79 38.31
C ILE A 436 11.66 -11.15 38.16
N GLY A 437 12.40 -11.09 39.26
CA GLY A 437 13.83 -11.28 39.21
C GLY A 437 14.50 -10.17 38.44
N PRO A 438 15.60 -10.49 37.74
CA PRO A 438 16.30 -9.46 36.94
C PRO A 438 15.56 -9.03 35.69
N GLU A 439 14.32 -9.46 35.48
CA GLU A 439 13.61 -9.18 34.24
C GLU A 439 12.39 -8.30 34.49
N LEU A 440 11.79 -7.85 33.38
CA LEU A 440 10.64 -6.95 33.41
C LEU A 440 9.50 -7.54 32.58
N PHE A 441 8.28 -7.24 32.99
CA PHE A 441 7.08 -7.69 32.30
C PHE A 441 6.06 -6.57 32.29
N THR A 442 5.14 -6.63 31.32
CA THR A 442 4.09 -5.63 31.18
C THR A 442 2.75 -6.31 30.92
N CYS A 443 1.69 -5.74 31.46
CA CYS A 443 0.32 -6.15 31.19
C CYS A 443 -0.48 -4.92 30.77
N SER A 444 -1.12 -5.01 29.61
CA SER A 444 -1.82 -3.87 29.03
C SER A 444 -3.30 -4.18 28.86
N GLY A 445 -4.12 -3.16 29.01
CA GLY A 445 -5.56 -3.31 28.84
C GLY A 445 -6.17 -2.01 28.41
N LYS A 446 -7.38 -2.10 27.85
CA LYS A 446 -8.11 -0.95 27.35
C LYS A 446 -9.49 -0.92 27.97
N THR A 447 -9.92 0.28 28.38
CA THR A 447 -11.27 0.51 28.87
C THR A 447 -11.88 1.66 28.08
N VAL A 448 -13.06 1.43 27.52
CA VAL A 448 -13.74 2.45 26.72
C VAL A 448 -14.47 3.41 27.66
N LEU A 449 -14.17 4.70 27.52
CA LEU A 449 -14.81 5.72 28.35
C LEU A 449 -16.08 6.25 27.71
N SER A 450 -16.00 6.69 26.45
CA SER A 450 -17.15 7.21 25.73
C SER A 450 -17.09 6.70 24.29
N PRO A 451 -17.90 5.69 23.95
CA PRO A 451 -17.91 5.21 22.57
C PRO A 451 -18.42 6.28 21.62
N GLY A 452 -17.81 6.33 20.44
CA GLY A 452 -18.19 7.32 19.45
C GLY A 452 -18.74 6.71 18.19
N PHE A 453 -17.95 6.75 17.12
CA PHE A 453 -18.35 6.15 15.85
C PHE A 453 -18.44 4.64 15.91
N THR A 454 -17.95 4.02 16.98
CA THR A 454 -18.05 2.57 17.12
C THR A 454 -19.49 2.11 17.29
N GLU A 455 -20.40 3.00 17.71
CA GLU A 455 -21.79 2.62 17.87
C GLU A 455 -22.43 2.30 16.52
N VAL A 456 -22.10 3.06 15.48
CA VAL A 456 -22.63 2.79 14.13
C VAL A 456 -21.71 1.90 13.31
N MET A 457 -20.47 1.69 13.74
CA MET A 457 -19.54 0.79 13.08
C MET A 457 -18.99 -0.17 14.14
N PRO A 458 -19.77 -1.19 14.52
CA PRO A 458 -19.35 -2.06 15.63
C PRO A 458 -18.10 -2.86 15.35
N TRP A 459 -17.72 -3.07 14.09
CA TRP A 459 -16.56 -3.91 13.83
C TRP A 459 -15.24 -3.20 14.13
N GLN A 460 -15.22 -1.86 14.06
CA GLN A 460 -14.04 -1.10 14.47
C GLN A 460 -14.21 -0.62 15.91
N SER A 461 -14.36 -1.58 16.82
CA SER A 461 -14.60 -1.30 18.21
C SER A 461 -13.47 -1.86 19.07
N VAL A 462 -13.19 -1.20 20.17
CA VAL A 462 -12.19 -1.64 21.13
C VAL A 462 -12.73 -2.89 21.83
N PRO A 463 -12.02 -4.02 21.75
CA PRO A 463 -12.55 -5.25 22.36
C PRO A 463 -12.68 -5.10 23.87
N LEU A 464 -13.71 -5.77 24.41
CA LEU A 464 -13.96 -5.70 25.84
C LEU A 464 -12.92 -6.50 26.60
N GLU A 465 -12.35 -5.89 27.63
CA GLU A 465 -11.33 -6.55 28.45
C GLU A 465 -11.60 -6.25 29.91
N GLU A 466 -11.15 -7.15 30.77
CA GLU A 466 -11.27 -6.93 32.20
C GLU A 466 -10.35 -5.79 32.63
N SER A 467 -10.84 -4.94 33.52
CA SER A 467 -10.05 -3.82 34.00
C SER A 467 -8.86 -4.30 34.81
N LEU A 468 -7.70 -3.67 34.58
CA LEU A 468 -6.51 -4.03 35.33
C LEU A 468 -6.66 -3.61 36.78
N PRO A 469 -6.13 -4.40 37.72
CA PRO A 469 -6.29 -4.05 39.14
C PRO A 469 -5.58 -2.75 39.48
N THR A 470 -6.17 -2.02 40.42
CA THR A 470 -5.56 -0.78 40.88
C THR A 470 -4.44 -1.07 41.86
N CYS A 471 -3.30 -0.41 41.64
CA CYS A 471 -2.11 -0.62 42.48
C CYS A 471 -1.14 0.52 42.18
N GLN A 472 -0.14 0.64 43.05
CA GLN A 472 0.90 1.64 42.92
C GLN A 472 2.26 0.96 43.03
N ARG A 473 3.32 1.74 42.83
CA ARG A 473 4.67 1.19 42.86
C ARG A 473 5.01 0.66 44.25
N GLY A 474 5.65 -0.51 44.29
CA GLY A 474 6.08 -1.12 45.53
C GLY A 474 5.24 -2.30 45.98
N ASP A 475 4.07 -2.52 45.37
CA ASP A 475 3.23 -3.63 45.77
C ASP A 475 3.84 -4.96 45.35
N ALA A 476 3.68 -5.98 46.19
CA ALA A 476 4.21 -7.31 45.94
C ALA A 476 3.06 -8.27 45.67
N PHE A 477 3.14 -8.98 44.55
CA PHE A 477 2.10 -9.91 44.14
C PHE A 477 2.69 -11.30 43.93
N PRO A 478 2.10 -12.34 44.53
CA PRO A 478 2.62 -13.69 44.33
C PRO A 478 2.69 -14.08 42.86
N VAL A 479 3.75 -14.81 42.51
CA VAL A 479 4.01 -15.25 41.15
C VAL A 479 3.48 -16.66 40.97
N GLY A 480 2.64 -16.84 39.95
CA GLY A 480 2.03 -18.14 39.71
C GLY A 480 2.92 -19.14 39.00
N GLU A 481 3.30 -18.82 37.76
CA GLU A 481 4.11 -19.75 36.96
C GLU A 481 4.84 -18.96 35.88
N VAL A 482 6.01 -19.45 35.50
CA VAL A 482 6.80 -18.89 34.42
C VAL A 482 7.12 -20.02 33.44
N LYS A 483 6.91 -19.77 32.15
CA LYS A 483 7.10 -20.82 31.15
C LYS A 483 7.59 -20.20 29.85
N MET A 484 8.21 -21.04 29.01
CA MET A 484 8.54 -20.69 27.64
C MET A 484 7.53 -21.29 26.67
N LEU A 485 7.46 -20.68 25.49
CA LEU A 485 6.63 -21.18 24.40
C LEU A 485 7.49 -21.27 23.15
N GLU A 486 7.47 -22.43 22.50
CA GLU A 486 8.22 -22.64 21.27
C GLU A 486 7.34 -22.25 20.09
N LYS A 487 7.36 -20.95 19.78
CA LYS A 487 6.60 -20.44 18.67
C LYS A 487 7.39 -20.58 17.37
N GLN A 488 6.70 -20.40 16.25
CA GLN A 488 7.30 -20.47 14.93
C GLN A 488 6.84 -19.27 14.11
N THR A 489 7.74 -18.79 13.24
CA THR A 489 7.39 -17.69 12.36
C THR A 489 6.40 -18.17 11.31
N ASN A 490 5.33 -17.41 11.12
CA ASN A 490 4.26 -17.81 10.23
C ASN A 490 4.55 -17.34 8.81
N PRO A 491 4.43 -18.20 7.80
CA PRO A 491 4.64 -17.76 6.43
C PRO A 491 3.55 -16.80 6.00
N PRO A 492 3.85 -15.86 5.10
CA PRO A 492 2.81 -14.95 4.63
C PRO A 492 1.77 -15.68 3.80
N ASP A 493 0.56 -15.13 3.79
CA ASP A 493 -0.55 -15.70 3.05
C ASP A 493 -0.65 -15.08 1.66
N TYR A 494 -1.48 -15.67 0.82
CA TYR A 494 -1.67 -15.19 -0.53
C TYR A 494 -2.29 -13.80 -0.52
N LEU A 495 -2.01 -13.03 -1.55
CA LEU A 495 -2.48 -11.65 -1.62
C LEU A 495 -4.00 -11.62 -1.72
N THR A 496 -4.60 -10.71 -0.96
CA THR A 496 -6.04 -10.51 -0.97
C THR A 496 -6.43 -9.39 -1.93
N GLU A 497 -7.71 -9.35 -2.28
CA GLU A 497 -8.19 -8.33 -3.20
C GLU A 497 -8.03 -6.93 -2.60
N ALA A 498 -8.27 -6.80 -1.29
CA ALA A 498 -8.08 -5.51 -0.65
C ALA A 498 -6.63 -5.06 -0.73
N GLU A 499 -5.69 -5.98 -0.50
CA GLU A 499 -4.28 -5.62 -0.58
C GLU A 499 -3.87 -5.28 -2.00
N LEU A 500 -4.45 -5.97 -2.99
CA LEU A 500 -4.06 -5.72 -4.38
C LEU A 500 -4.51 -4.35 -4.85
N ILE A 501 -5.69 -3.90 -4.40
CA ILE A 501 -6.20 -2.60 -4.81
C ILE A 501 -5.29 -1.48 -4.30
N THR A 502 -4.79 -1.61 -3.07
CA THR A 502 -3.85 -0.62 -2.55
C THR A 502 -2.58 -0.59 -3.39
N LEU A 503 -2.08 -1.76 -3.80
CA LEU A 503 -0.86 -1.81 -4.58
C LEU A 503 -1.02 -1.13 -5.94
N MET A 504 -2.17 -1.34 -6.59
CA MET A 504 -2.39 -0.68 -7.88
C MET A 504 -2.51 0.83 -7.73
N GLU A 505 -3.16 1.29 -6.65
CA GLU A 505 -3.30 2.73 -6.45
C GLU A 505 -1.95 3.40 -6.21
N LYS A 506 -1.04 2.72 -5.49
CA LYS A 506 0.28 3.28 -5.26
C LYS A 506 1.04 3.46 -6.57
N HIS A 507 0.97 2.45 -7.45
CA HIS A 507 1.77 2.42 -8.66
C HIS A 507 1.04 2.99 -9.88
N GLY A 508 -0.18 3.49 -9.70
CA GLY A 508 -0.89 4.12 -10.80
C GLY A 508 -1.38 3.16 -11.86
N ILE A 509 -1.62 1.91 -11.51
CA ILE A 509 -2.12 0.91 -12.44
C ILE A 509 -3.63 0.87 -12.31
N GLY A 510 -4.33 1.36 -13.32
CA GLY A 510 -5.79 1.34 -13.31
C GLY A 510 -6.41 2.55 -12.68
N THR A 511 -7.48 3.05 -13.29
CA THR A 511 -8.22 4.18 -12.77
C THR A 511 -9.37 3.68 -11.90
N ASP A 512 -10.31 4.58 -11.57
CA ASP A 512 -11.41 4.21 -10.70
C ASP A 512 -12.31 3.15 -11.34
N ALA A 513 -12.58 3.29 -12.64
CA ALA A 513 -13.44 2.37 -13.36
C ALA A 513 -12.67 1.24 -14.02
N SER A 514 -11.35 1.20 -13.89
CA SER A 514 -10.55 0.15 -14.50
C SER A 514 -10.00 -0.86 -13.50
N ILE A 515 -9.88 -0.50 -12.22
CA ILE A 515 -9.41 -1.45 -11.22
C ILE A 515 -10.32 -2.67 -11.11
N PRO A 516 -11.65 -2.53 -11.02
CA PRO A 516 -12.48 -3.75 -10.99
C PRO A 516 -12.34 -4.62 -12.21
N VAL A 517 -12.12 -4.03 -13.39
CA VAL A 517 -12.05 -4.83 -14.62
C VAL A 517 -10.78 -5.64 -14.65
N HIS A 518 -9.65 -5.06 -14.25
CA HIS A 518 -8.37 -5.75 -14.33
C HIS A 518 -8.33 -6.95 -13.38
N ILE A 519 -8.90 -6.81 -12.19
CA ILE A 519 -8.96 -7.94 -11.27
C ILE A 519 -9.81 -9.05 -11.86
N ASN A 520 -10.95 -8.70 -12.45
CA ASN A 520 -11.81 -9.71 -13.05
C ASN A 520 -11.19 -10.29 -14.31
N ASN A 521 -10.42 -9.50 -15.06
CA ASN A 521 -9.84 -10.00 -16.30
C ASN A 521 -8.84 -11.12 -16.02
N ILE A 522 -7.93 -10.92 -15.08
CA ILE A 522 -6.95 -11.96 -14.77
C ILE A 522 -7.61 -13.17 -14.14
N CYS A 523 -8.78 -13.01 -13.53
CA CYS A 523 -9.52 -14.16 -13.02
C CYS A 523 -10.21 -14.95 -14.12
N GLN A 524 -10.72 -14.27 -15.16
CA GLN A 524 -11.42 -14.96 -16.22
C GLN A 524 -10.47 -15.71 -17.15
N ARG A 525 -9.20 -15.33 -17.20
CA ARG A 525 -8.22 -16.00 -18.04
C ARG A 525 -7.45 -17.07 -17.27
N ASN A 526 -7.93 -17.44 -16.08
CA ASN A 526 -7.35 -18.52 -15.28
C ASN A 526 -5.91 -18.23 -14.87
N TYR A 527 -5.55 -16.96 -14.78
CA TYR A 527 -4.24 -16.61 -14.24
C TYR A 527 -4.22 -16.77 -12.73
N VAL A 528 -5.29 -16.36 -12.05
CA VAL A 528 -5.40 -16.46 -10.61
C VAL A 528 -6.78 -17.00 -10.26
N THR A 529 -6.84 -17.86 -9.25
CA THR A 529 -8.09 -18.43 -8.78
C THR A 529 -8.46 -17.81 -7.44
N VAL A 530 -9.70 -17.34 -7.33
CA VAL A 530 -10.17 -16.70 -6.10
C VAL A 530 -10.49 -17.78 -5.09
N GLU A 531 -9.92 -17.65 -3.90
CA GLU A 531 -10.03 -18.67 -2.85
C GLU A 531 -10.83 -18.12 -1.67
N SER A 532 -10.92 -18.94 -0.63
CA SER A 532 -11.63 -18.55 0.57
C SER A 532 -10.94 -17.37 1.24
N GLY A 533 -11.74 -16.39 1.67
CA GLY A 533 -11.18 -15.18 2.23
C GLY A 533 -10.74 -14.17 1.20
N ARG A 534 -11.18 -14.31 -0.05
CA ARG A 534 -10.81 -13.43 -1.15
C ARG A 534 -9.29 -13.36 -1.33
N ARG A 535 -8.65 -14.52 -1.26
CA ARG A 535 -7.22 -14.65 -1.51
C ARG A 535 -7.00 -15.08 -2.95
N LEU A 536 -6.11 -14.40 -3.65
CA LEU A 536 -5.83 -14.67 -5.06
C LEU A 536 -4.62 -15.58 -5.14
N LYS A 537 -4.86 -16.86 -5.45
CA LYS A 537 -3.80 -17.83 -5.57
C LYS A 537 -3.40 -17.96 -7.03
N PRO A 538 -2.16 -17.67 -7.39
CA PRO A 538 -1.74 -17.83 -8.80
C PRO A 538 -1.81 -19.28 -9.24
N THR A 539 -2.15 -19.47 -10.51
CA THR A 539 -2.20 -20.80 -11.11
C THR A 539 -0.87 -21.11 -11.78
N ASN A 540 -0.75 -22.31 -12.35
CA ASN A 540 0.46 -22.67 -13.04
C ASN A 540 0.67 -21.84 -14.30
N LEU A 541 -0.42 -21.32 -14.89
CA LEU A 541 -0.28 -20.46 -16.05
C LEU A 541 0.27 -19.10 -15.67
N GLY A 542 -0.25 -18.51 -14.58
CA GLY A 542 0.23 -17.21 -14.15
C GLY A 542 1.68 -17.23 -13.71
N ILE A 543 2.08 -18.28 -13.00
CA ILE A 543 3.45 -18.37 -12.52
C ILE A 543 4.43 -18.48 -13.69
N VAL A 544 4.09 -19.29 -14.70
CA VAL A 544 4.96 -19.46 -15.86
C VAL A 544 5.13 -18.14 -16.61
N LEU A 545 4.03 -17.41 -16.79
CA LEU A 545 4.08 -16.17 -17.57
C LEU A 545 4.96 -15.12 -16.89
N VAL A 546 4.73 -14.87 -15.60
CA VAL A 546 5.48 -13.83 -14.91
C VAL A 546 6.95 -14.21 -14.77
N HIS A 547 7.22 -15.47 -14.41
CA HIS A 547 8.60 -15.91 -14.31
C HIS A 547 9.30 -15.87 -15.65
N GLY A 548 8.58 -16.22 -16.73
CA GLY A 548 9.17 -16.12 -18.05
C GLY A 548 9.51 -14.69 -18.44
N TYR A 549 8.67 -13.74 -18.05
CA TYR A 549 8.91 -12.35 -18.41
C TYR A 549 10.18 -11.81 -17.76
N TYR A 550 10.43 -12.17 -16.49
CA TYR A 550 11.65 -11.72 -15.82
C TYR A 550 12.89 -12.24 -16.53
N LYS A 551 12.85 -13.47 -17.04
CA LYS A 551 14.01 -14.01 -17.74
C LYS A 551 14.30 -13.23 -19.01
N ILE A 552 13.27 -12.82 -19.73
CA ILE A 552 13.46 -12.17 -21.02
C ILE A 552 13.60 -10.66 -20.86
N ASP A 553 12.53 -10.02 -20.41
CA ASP A 553 12.48 -8.55 -20.31
C ASP A 553 11.73 -8.18 -19.04
N ALA A 554 12.45 -7.65 -18.05
CA ALA A 554 11.82 -7.27 -16.80
C ALA A 554 10.86 -6.10 -16.95
N GLU A 555 11.04 -5.28 -17.97
CA GLU A 555 10.23 -4.07 -18.12
C GLU A 555 8.81 -4.35 -18.57
N LEU A 556 8.34 -5.60 -18.59
CA LEU A 556 6.97 -5.90 -18.94
C LEU A 556 6.11 -6.30 -17.75
N VAL A 557 6.69 -6.44 -16.56
CA VAL A 557 5.94 -6.84 -15.38
C VAL A 557 6.14 -5.83 -14.26
N LEU A 558 7.26 -5.11 -14.30
CA LEU A 558 7.60 -4.21 -13.20
C LEU A 558 6.52 -3.14 -13.05
N PRO A 559 6.02 -2.90 -11.84
CA PRO A 559 4.99 -1.89 -11.61
C PRO A 559 5.54 -0.47 -11.57
N THR A 560 6.40 -0.14 -12.52
CA THR A 560 6.97 1.19 -12.66
C THR A 560 6.94 1.70 -14.09
N ILE A 561 6.90 0.81 -15.10
CA ILE A 561 6.89 1.25 -16.48
C ILE A 561 5.62 2.03 -16.80
N ARG A 562 4.50 1.65 -16.19
CA ARG A 562 3.25 2.35 -16.44
C ARG A 562 3.33 3.81 -16.03
N SER A 563 3.94 4.08 -14.87
CA SER A 563 4.11 5.47 -14.44
C SER A 563 5.20 6.16 -15.25
N ALA A 564 6.25 5.42 -15.64
CA ALA A 564 7.32 6.01 -16.42
C ALA A 564 6.84 6.44 -17.79
N VAL A 565 6.03 5.62 -18.46
CA VAL A 565 5.50 5.99 -19.77
C VAL A 565 4.50 7.12 -19.63
N GLU A 566 3.69 7.11 -18.57
CA GLU A 566 2.70 8.16 -18.37
C GLU A 566 3.37 9.52 -18.18
N LYS A 567 4.53 9.54 -17.51
CA LYS A 567 5.27 10.78 -17.36
C LYS A 567 5.76 11.30 -18.70
N GLN A 568 6.18 10.40 -19.58
CA GLN A 568 6.62 10.81 -20.92
C GLN A 568 5.47 11.41 -21.72
N LEU A 569 4.27 10.84 -21.60
CA LEU A 569 3.13 11.34 -22.35
C LEU A 569 2.64 12.69 -21.84
N ASN A 570 2.97 13.06 -20.60
CA ASN A 570 2.61 14.38 -20.10
C ASN A 570 3.37 15.49 -20.82
N LEU A 571 4.46 15.14 -21.52
CA LEU A 571 5.19 16.14 -22.29
C LEU A 571 4.34 16.70 -23.42
N ILE A 572 3.51 15.87 -24.03
CA ILE A 572 2.61 16.35 -25.07
C ILE A 572 1.57 17.29 -24.49
N ALA A 573 1.12 17.02 -23.27
CA ALA A 573 0.12 17.88 -22.63
C ALA A 573 0.63 19.29 -22.42
N GLN A 574 1.89 19.42 -22.01
CA GLN A 574 2.47 20.73 -21.71
C GLN A 574 3.17 21.35 -22.91
N GLY A 575 3.14 20.70 -24.07
CA GLY A 575 3.75 21.24 -25.27
C GLY A 575 5.25 21.07 -25.37
N LYS A 576 5.87 20.35 -24.44
CA LYS A 576 7.32 20.19 -24.45
C LYS A 576 7.80 19.14 -25.44
N ALA A 577 6.90 18.35 -26.03
CA ALA A 577 7.27 17.34 -26.99
C ALA A 577 6.10 17.09 -27.92
N ASP A 578 6.38 16.97 -29.21
CA ASP A 578 5.30 16.80 -30.19
C ASP A 578 4.72 15.40 -30.10
N TYR A 579 3.46 15.29 -30.54
CA TYR A 579 2.72 14.04 -30.41
C TYR A 579 3.28 12.97 -31.34
N ARG A 580 3.76 13.35 -32.52
CA ARG A 580 4.23 12.37 -33.48
C ARG A 580 5.53 11.71 -33.03
N GLN A 581 6.49 12.49 -32.54
CA GLN A 581 7.79 11.94 -32.22
C GLN A 581 7.74 11.05 -30.99
N VAL A 582 7.02 11.47 -29.95
CA VAL A 582 6.96 10.67 -28.72
C VAL A 582 6.29 9.33 -28.99
N LEU A 583 5.19 9.33 -29.74
CA LEU A 583 4.51 8.09 -30.06
C LEU A 583 5.39 7.17 -30.90
N GLY A 584 6.08 7.74 -31.89
CA GLY A 584 6.97 6.94 -32.72
C GLY A 584 8.16 6.41 -31.94
N HIS A 585 8.74 7.25 -31.07
CA HIS A 585 9.91 6.83 -30.31
C HIS A 585 9.57 5.70 -29.34
N THR A 586 8.43 5.81 -28.65
CA THR A 586 8.05 4.77 -27.69
C THR A 586 7.67 3.48 -28.40
N LEU A 587 7.03 3.59 -29.57
CA LEU A 587 6.65 2.39 -30.31
C LEU A 587 7.87 1.61 -30.77
N ASP A 588 8.91 2.32 -31.24
CA ASP A 588 10.12 1.64 -31.67
C ASP A 588 10.83 0.96 -30.49
N VAL A 589 10.77 1.58 -29.31
CA VAL A 589 11.37 0.97 -28.13
C VAL A 589 10.70 -0.36 -27.82
N PHE A 590 9.36 -0.38 -27.84
CA PHE A 590 8.64 -1.61 -27.58
C PHE A 590 8.74 -2.58 -28.74
N LYS A 591 8.82 -2.07 -29.97
CA LYS A 591 8.97 -2.94 -31.13
C LYS A 591 10.28 -3.72 -31.07
N ARG A 592 11.36 -3.05 -30.65
CA ARG A 592 12.61 -3.75 -30.41
C ARG A 592 12.47 -4.76 -29.28
N LYS A 593 11.72 -4.40 -28.25
CA LYS A 593 11.49 -5.31 -27.13
C LYS A 593 10.63 -6.49 -27.56
N PHE A 594 9.73 -6.29 -28.52
CA PHE A 594 8.93 -7.38 -29.04
C PHE A 594 9.79 -8.42 -29.75
N HIS A 595 10.77 -7.97 -30.54
CA HIS A 595 11.62 -8.90 -31.27
C HIS A 595 12.46 -9.74 -30.33
N TYR A 596 12.97 -9.15 -29.25
CA TYR A 596 13.72 -9.92 -28.26
C TYR A 596 12.82 -10.96 -27.59
N PHE A 597 11.56 -10.59 -27.34
CA PHE A 597 10.62 -11.53 -26.74
C PHE A 597 10.37 -12.72 -27.67
N VAL A 598 10.21 -12.46 -28.96
CA VAL A 598 9.94 -13.55 -29.91
C VAL A 598 11.17 -14.43 -30.08
N ASP A 599 12.34 -13.82 -30.24
CA ASP A 599 13.56 -14.59 -30.44
C ASP A 599 13.95 -15.37 -29.19
N SER A 600 13.59 -14.89 -28.01
CA SER A 600 13.92 -15.54 -26.76
C SER A 600 12.72 -16.22 -26.12
N ILE A 601 11.70 -16.56 -26.91
CA ILE A 601 10.52 -17.23 -26.38
C ILE A 601 10.82 -18.65 -25.90
N ALA A 602 11.93 -19.22 -26.34
CA ALA A 602 12.30 -20.56 -25.89
C ALA A 602 12.54 -20.62 -24.39
N GLY A 603 12.78 -19.47 -23.75
CA GLY A 603 12.92 -19.47 -22.31
C GLY A 603 11.64 -19.85 -21.60
N MET A 604 10.51 -19.27 -22.01
CA MET A 604 9.24 -19.57 -21.37
C MET A 604 8.80 -21.00 -21.64
N ASP A 605 9.22 -21.59 -22.76
CA ASP A 605 8.84 -22.97 -23.05
C ASP A 605 9.42 -23.94 -22.04
N GLU A 606 10.66 -23.72 -21.61
CA GLU A 606 11.29 -24.63 -20.66
C GLU A 606 10.62 -24.59 -19.29
N LEU A 607 9.91 -23.50 -18.96
CA LEU A 607 9.10 -23.48 -17.75
C LEU A 607 7.70 -24.01 -17.99
N MET A 608 7.14 -23.80 -19.19
CA MET A 608 5.81 -24.30 -19.49
C MET A 608 5.77 -25.80 -19.72
N GLU A 609 6.90 -26.41 -20.09
CA GLU A 609 6.92 -27.84 -20.36
C GLU A 609 6.62 -28.65 -19.10
N VAL A 610 7.06 -28.16 -17.94
CA VAL A 610 6.83 -28.87 -16.69
C VAL A 610 5.34 -28.93 -16.37
N SER A 611 4.64 -27.80 -16.51
CA SER A 611 3.23 -27.74 -16.13
C SER A 611 2.35 -28.50 -17.13
N PHE A 612 2.57 -28.29 -18.42
CA PHE A 612 1.71 -28.87 -19.44
C PHE A 612 2.48 -29.78 -20.39
N MET B 1 59.69 -3.84 27.20
CA MET B 1 60.58 -3.41 28.28
C MET B 1 60.34 -4.24 29.54
N ALA B 2 60.63 -5.54 29.46
CA ALA B 2 60.68 -6.46 30.59
C ALA B 2 59.59 -6.23 31.64
N GLN B 3 60.03 -6.06 32.89
CA GLN B 3 59.10 -6.06 34.02
C GLN B 3 58.19 -4.84 33.99
N VAL B 4 58.73 -3.65 33.71
CA VAL B 4 57.91 -2.45 33.74
C VAL B 4 56.86 -2.49 32.64
N ALA B 5 57.24 -2.94 31.44
CA ALA B 5 56.26 -3.08 30.36
C ALA B 5 55.21 -4.13 30.69
N GLY B 6 55.63 -5.26 31.25
CA GLY B 6 54.67 -6.28 31.62
C GLY B 6 53.67 -5.79 32.65
N ALA B 7 54.15 -5.06 33.66
CA ALA B 7 53.27 -4.49 34.66
C ALA B 7 52.33 -3.46 34.06
N ALA B 8 52.84 -2.63 33.15
CA ALA B 8 52.00 -1.63 32.51
C ALA B 8 50.87 -2.27 31.72
N LEU B 9 51.21 -3.29 30.93
CA LEU B 9 50.17 -4.01 30.18
C LEU B 9 49.19 -4.70 31.11
N SER B 10 49.69 -5.30 32.20
CA SER B 10 48.82 -5.99 33.13
C SER B 10 47.82 -5.04 33.77
N GLN B 11 48.30 -3.85 34.18
CA GLN B 11 47.39 -2.87 34.76
C GLN B 11 46.41 -2.34 33.72
N ALA B 12 46.89 -2.10 32.49
CA ALA B 12 46.01 -1.60 31.45
C ALA B 12 44.96 -2.63 31.03
N GLY B 13 45.21 -3.91 31.28
CA GLY B 13 44.27 -4.96 30.96
C GLY B 13 44.57 -5.72 29.69
N TRP B 14 45.65 -5.39 28.99
CA TRP B 14 46.06 -6.11 27.79
C TRP B 14 46.96 -7.26 28.22
N TYR B 15 46.48 -8.49 28.06
CA TYR B 15 47.25 -9.68 28.38
C TYR B 15 47.74 -10.30 27.08
N LEU B 16 49.03 -10.10 26.80
CA LEU B 16 49.65 -10.55 25.57
C LEU B 16 50.85 -11.43 25.88
N SER B 17 51.12 -12.37 24.98
CA SER B 17 52.21 -13.30 25.16
C SER B 17 53.55 -12.58 25.06
N ASP B 18 54.60 -13.24 25.56
CA ASP B 18 55.94 -12.68 25.45
C ASP B 18 56.35 -12.55 23.99
N GLU B 19 56.11 -13.59 23.19
CA GLU B 19 56.40 -13.49 21.76
C GLU B 19 55.55 -12.42 21.09
N GLY B 20 54.27 -12.33 21.49
CA GLY B 20 53.41 -11.31 20.91
C GLY B 20 53.88 -9.90 21.19
N ILE B 21 54.30 -9.64 22.43
CA ILE B 21 54.77 -8.30 22.77
C ILE B 21 56.14 -8.03 22.15
N GLU B 22 56.97 -9.06 21.99
CA GLU B 22 58.28 -8.87 21.38
C GLU B 22 58.21 -8.73 19.86
N ALA B 23 57.11 -9.17 19.25
CA ALA B 23 56.94 -9.05 17.80
C ALA B 23 56.09 -7.85 17.40
N CYS B 24 54.95 -7.65 18.05
CA CYS B 24 54.07 -6.54 17.72
C CYS B 24 54.71 -5.19 18.00
N THR B 25 55.74 -5.15 18.85
CA THR B 25 56.43 -3.90 19.12
C THR B 25 57.22 -3.44 17.89
N SER B 26 57.50 -2.15 17.84
CA SER B 26 58.27 -1.54 16.77
C SER B 26 59.34 -0.65 17.37
N SER B 27 60.38 -0.40 16.57
CA SER B 27 61.52 0.41 17.00
C SER B 27 62.10 -0.13 18.29
N PRO B 28 62.80 -1.27 18.25
CA PRO B 28 63.31 -1.86 19.51
C PRO B 28 64.22 -0.94 20.30
N ASP B 29 64.90 -0.01 19.64
CA ASP B 29 65.75 0.92 20.35
C ASP B 29 64.95 1.79 21.31
N LYS B 30 63.79 2.27 20.87
CA LYS B 30 62.96 3.14 21.70
C LYS B 30 61.50 2.96 21.33
N VAL B 31 60.69 2.58 22.32
CA VAL B 31 59.25 2.42 22.15
C VAL B 31 58.62 2.72 23.51
N ASN B 32 57.29 2.86 23.54
CA ASN B 32 56.60 3.09 24.79
C ASN B 32 55.28 2.35 24.80
N VAL B 33 54.80 2.07 26.01
CA VAL B 33 53.60 1.25 26.20
C VAL B 33 52.43 1.79 25.38
N ASN B 34 52.34 3.11 25.24
CA ASN B 34 51.30 3.68 24.39
C ASN B 34 51.49 3.26 22.93
N ASP B 35 52.73 3.21 22.47
CA ASP B 35 52.99 2.73 21.12
C ASP B 35 52.60 1.26 20.97
N ILE B 36 52.94 0.43 21.96
CA ILE B 36 52.51 -0.98 21.90
C ILE B 36 51.00 -1.08 21.85
N ILE B 37 50.29 -0.28 22.65
CA ILE B 37 48.83 -0.31 22.63
C ILE B 37 48.31 0.10 21.26
N LEU B 38 48.85 1.19 20.71
CA LEU B 38 48.36 1.69 19.43
C LEU B 38 48.56 0.66 18.32
N ILE B 39 49.72 0.00 18.31
CA ILE B 39 49.97 -1.01 17.28
C ILE B 39 49.24 -2.32 17.57
N ALA B 40 48.89 -2.59 18.83
CA ALA B 40 48.18 -3.82 19.17
C ALA B 40 46.71 -3.75 18.81
N LEU B 41 46.09 -2.58 18.97
CA LEU B 41 44.68 -2.46 18.61
C LEU B 41 44.43 -2.76 17.13
N ASN B 42 45.45 -2.67 16.29
CA ASN B 42 45.30 -2.92 14.86
C ASN B 42 45.73 -4.32 14.45
N THR B 43 46.06 -5.19 15.40
CA THR B 43 46.51 -6.53 15.11
C THR B 43 45.49 -7.56 15.60
N ASP B 44 45.33 -8.64 14.83
CA ASP B 44 44.45 -9.72 15.24
C ASP B 44 44.94 -10.35 16.53
N LEU B 45 44.01 -10.57 17.46
CA LEU B 45 44.37 -11.13 18.75
C LEU B 45 44.77 -12.60 18.66
N ARG B 46 44.32 -13.31 17.63
CA ARG B 46 44.60 -14.74 17.53
C ARG B 46 46.07 -15.04 17.32
N THR B 47 46.86 -14.05 16.91
CA THR B 47 48.28 -14.26 16.64
C THR B 47 49.19 -13.71 17.74
N ILE B 48 48.67 -12.90 18.66
CA ILE B 48 49.50 -12.25 19.68
C ILE B 48 48.96 -12.45 21.08
N GLY B 49 47.81 -13.10 21.26
CA GLY B 49 47.21 -13.18 22.56
C GLY B 49 47.86 -14.18 23.50
N LYS B 50 47.35 -14.20 24.73
CA LYS B 50 47.83 -15.10 25.77
C LYS B 50 46.62 -15.63 26.52
N LYS B 51 46.79 -16.81 27.11
CA LYS B 51 45.66 -17.52 27.72
C LYS B 51 45.36 -16.94 29.09
N PHE B 52 44.22 -16.25 29.21
CA PHE B 52 43.72 -15.75 30.48
C PHE B 52 42.36 -16.28 30.86
N LEU B 53 41.40 -16.29 29.94
CA LEU B 53 40.06 -16.74 30.28
C LEU B 53 40.10 -18.19 30.75
N PRO B 54 39.48 -18.51 31.88
CA PRO B 54 39.59 -19.87 32.41
C PRO B 54 38.98 -20.89 31.46
N SER B 55 39.58 -22.07 31.46
CA SER B 55 39.14 -23.11 30.54
C SER B 55 37.73 -23.56 30.85
N ASP B 56 37.02 -23.99 29.81
CA ASP B 56 35.63 -24.45 29.92
C ASP B 56 34.75 -23.35 30.52
N ILE B 57 34.91 -22.13 30.00
CA ILE B 57 34.10 -21.02 30.46
C ILE B 57 32.66 -21.14 29.96
N ASN B 58 32.43 -21.94 28.92
CA ASN B 58 31.10 -22.14 28.36
C ASN B 58 30.40 -23.35 28.94
N SER B 59 30.72 -23.71 30.18
CA SER B 59 30.13 -24.88 30.83
C SER B 59 29.13 -24.54 31.93
N GLY B 60 29.10 -23.28 32.37
CA GLY B 60 28.21 -22.88 33.44
C GLY B 60 28.76 -23.05 34.84
N LYS B 61 29.99 -23.54 34.98
CA LYS B 61 30.60 -23.74 36.29
C LYS B 61 31.33 -22.51 36.81
N VAL B 62 31.45 -21.47 36.00
CA VAL B 62 32.08 -20.22 36.40
C VAL B 62 31.04 -19.12 36.33
N GLU B 63 30.87 -18.38 37.44
CA GLU B 63 29.83 -17.37 37.55
C GLU B 63 30.38 -15.97 37.75
N LYS B 64 31.68 -15.75 37.50
CA LYS B 64 32.30 -14.48 37.80
C LYS B 64 33.58 -14.30 36.99
N LEU B 65 33.84 -13.07 36.57
CA LEU B 65 35.11 -12.68 35.96
C LEU B 65 35.77 -11.63 36.84
N GLU B 66 37.04 -11.85 37.18
CA GLU B 66 37.79 -10.97 38.04
C GLU B 66 38.83 -10.21 37.23
N GLY B 67 38.93 -8.90 37.47
CA GLY B 67 39.93 -8.08 36.83
C GLY B 67 39.50 -7.61 35.46
N PRO B 68 40.16 -6.58 34.95
CA PRO B 68 39.85 -6.09 33.60
C PRO B 68 40.65 -6.84 32.54
N CYS B 69 39.95 -7.30 31.50
CA CYS B 69 40.61 -7.99 30.40
C CYS B 69 40.03 -7.48 29.09
N VAL B 70 40.87 -7.48 28.05
CA VAL B 70 40.47 -7.00 26.72
C VAL B 70 40.27 -8.21 25.81
N LEU B 71 39.14 -8.22 25.10
CA LEU B 71 38.78 -9.32 24.22
C LEU B 71 38.34 -8.77 22.87
N GLN B 72 38.30 -9.65 21.87
CA GLN B 72 38.05 -9.27 20.49
C GLN B 72 36.76 -9.91 20.01
N ILE B 73 35.91 -9.11 19.37
CA ILE B 73 34.64 -9.59 18.82
C ILE B 73 34.91 -10.33 17.52
N GLN B 74 34.21 -11.44 17.33
CA GLN B 74 34.27 -12.20 16.09
C GLN B 74 33.03 -11.99 15.23
N LYS B 75 31.84 -12.20 15.79
CA LYS B 75 30.60 -11.92 15.06
C LYS B 75 29.52 -11.46 16.02
N ILE B 76 28.62 -10.64 15.51
CA ILE B 76 27.52 -10.06 16.27
C ILE B 76 26.21 -10.39 15.57
N ARG B 77 25.24 -10.90 16.32
CA ARG B 77 23.93 -11.25 15.78
C ARG B 77 22.85 -10.72 16.71
N ASN B 78 21.79 -10.19 16.13
CA ASN B 78 20.64 -9.70 16.88
C ASN B 78 19.70 -10.86 17.14
N VAL B 79 19.72 -11.39 18.37
CA VAL B 79 18.94 -12.57 18.70
C VAL B 79 17.45 -12.28 18.85
N ALA B 80 17.06 -11.01 18.86
CA ALA B 80 15.65 -10.65 18.99
C ALA B 80 14.97 -10.41 17.66
N ALA B 81 15.68 -10.58 16.55
CA ALA B 81 15.12 -10.38 15.23
C ALA B 81 15.49 -11.56 14.33
N PRO B 82 14.65 -11.88 13.35
CA PRO B 82 14.94 -13.00 12.47
C PRO B 82 16.16 -12.72 11.59
N LYS B 83 16.65 -13.79 10.96
CA LYS B 83 17.85 -13.67 10.14
C LYS B 83 17.63 -12.75 8.95
N ASP B 84 16.46 -12.85 8.30
CA ASP B 84 16.20 -12.03 7.13
C ASP B 84 15.95 -10.58 7.52
N ASN B 85 15.11 -10.35 8.53
CA ASN B 85 14.78 -8.99 8.96
C ASN B 85 15.65 -8.61 10.16
N GLU B 86 16.93 -8.44 9.88
CA GLU B 86 17.89 -8.16 10.95
C GLU B 86 17.72 -6.76 11.54
N GLU B 87 17.05 -5.85 10.82
CA GLU B 87 16.84 -4.49 11.29
C GLU B 87 15.43 -4.27 11.83
N SER B 88 14.68 -5.34 12.07
CA SER B 88 13.30 -5.21 12.53
C SER B 88 13.27 -4.59 13.92
N GLN B 89 12.35 -3.65 14.11
CA GLN B 89 12.16 -2.98 15.39
C GLN B 89 10.97 -3.51 16.18
N ALA B 90 10.42 -4.65 15.77
CA ALA B 90 9.28 -5.21 16.48
C ALA B 90 9.64 -5.67 17.89
N ALA B 91 10.92 -5.88 18.17
CA ALA B 91 11.39 -6.29 19.48
C ALA B 91 12.63 -5.48 19.85
N PRO B 92 12.86 -5.26 21.15
CA PRO B 92 14.06 -4.54 21.56
C PRO B 92 15.32 -5.26 21.13
N ARG B 93 16.34 -4.49 20.79
CA ARG B 93 17.57 -5.06 20.24
C ARG B 93 18.36 -5.78 21.33
N MET B 94 18.71 -7.04 21.07
CA MET B 94 19.58 -7.82 21.94
C MET B 94 20.66 -8.45 21.09
N LEU B 95 21.92 -8.26 21.49
CA LEU B 95 23.07 -8.70 20.71
C LEU B 95 23.78 -9.85 21.40
N ARG B 96 24.10 -10.89 20.63
CA ARG B 96 24.89 -12.01 21.10
C ARG B 96 26.28 -11.88 20.49
N LEU B 97 27.22 -11.38 21.29
CA LEU B 97 28.59 -11.21 20.85
C LEU B 97 29.38 -12.48 21.13
N GLN B 98 30.23 -12.87 20.19
CA GLN B 98 31.20 -13.93 20.39
C GLN B 98 32.57 -13.29 20.55
N MET B 99 33.29 -13.68 21.59
CA MET B 99 34.45 -12.96 22.05
C MET B 99 35.62 -13.94 22.19
N THR B 100 36.81 -13.48 21.85
CA THR B 100 38.00 -14.31 21.90
C THR B 100 39.15 -13.57 22.57
N ASP B 101 39.98 -14.32 23.28
CA ASP B 101 41.27 -13.84 23.74
C ASP B 101 42.41 -14.37 22.90
N GLY B 102 42.10 -15.10 21.83
CA GLY B 102 43.11 -15.69 20.97
C GLY B 102 43.00 -17.21 20.90
N HIS B 103 42.70 -17.84 22.03
CA HIS B 103 42.63 -19.29 22.11
C HIS B 103 41.22 -19.78 22.42
N ILE B 104 40.62 -19.34 23.52
CA ILE B 104 39.30 -19.81 23.94
C ILE B 104 38.26 -18.80 23.52
N SER B 105 37.05 -19.28 23.30
CA SER B 105 35.93 -18.45 22.86
C SER B 105 34.85 -18.42 23.92
N CYS B 106 34.20 -17.27 24.07
CA CYS B 106 33.11 -17.09 25.02
C CYS B 106 31.98 -16.34 24.33
N THR B 107 30.79 -16.43 24.92
CA THR B 107 29.61 -15.77 24.38
C THR B 107 29.06 -14.81 25.42
N ALA B 108 28.83 -13.56 25.00
CA ALA B 108 28.27 -12.53 25.86
C ALA B 108 26.95 -12.06 25.25
N VAL B 109 26.05 -11.61 26.11
CA VAL B 109 24.74 -11.15 25.69
C VAL B 109 24.51 -9.75 26.25
N GLU B 110 23.93 -8.89 25.40
CA GLU B 110 23.56 -7.54 25.80
C GLU B 110 22.39 -7.61 26.78
N PHE B 111 22.69 -7.45 28.07
CA PHE B 111 21.68 -7.52 29.12
C PHE B 111 20.98 -6.19 29.35
N SER B 112 21.51 -5.10 28.77
CA SER B 112 20.92 -3.77 28.86
C SER B 112 21.47 -2.96 27.70
N TYR B 113 20.69 -1.96 27.26
CA TYR B 113 21.00 -1.23 26.03
C TYR B 113 22.41 -0.66 26.03
N MET B 114 23.25 -1.13 25.11
CA MET B 114 24.61 -0.63 24.93
C MET B 114 24.62 0.21 23.66
N SER B 115 24.79 1.52 23.82
CA SER B 115 24.74 2.40 22.66
C SER B 115 26.01 2.31 21.82
N LYS B 116 27.14 1.96 22.44
CA LYS B 116 28.42 1.97 21.72
C LYS B 116 28.47 0.84 20.69
N ILE B 117 28.12 -0.38 21.10
CA ILE B 117 28.17 -1.53 20.21
C ILE B 117 26.88 -1.59 19.40
N SER B 118 27.02 -1.67 18.08
CA SER B 118 25.88 -1.76 17.18
C SER B 118 26.10 -2.94 16.24
N LEU B 119 25.10 -3.18 15.39
CA LEU B 119 25.19 -4.28 14.43
C LEU B 119 26.28 -4.05 13.40
N ASN B 120 26.76 -2.83 13.24
CA ASN B 120 27.79 -2.50 12.29
C ASN B 120 29.19 -2.44 12.91
N THR B 121 29.34 -2.90 14.14
CA THR B 121 30.65 -2.96 14.76
C THR B 121 31.49 -3.99 14.04
N PRO B 122 32.64 -3.61 13.46
CA PRO B 122 33.39 -4.55 12.63
C PRO B 122 34.04 -5.63 13.48
N PRO B 123 34.24 -6.82 12.92
CA PRO B 123 34.98 -7.86 13.65
C PRO B 123 36.41 -7.42 13.93
N GLY B 124 36.94 -7.90 15.05
CA GLY B 124 38.27 -7.54 15.48
C GLY B 124 38.35 -6.37 16.43
N THR B 125 37.24 -5.66 16.66
CA THR B 125 37.24 -4.57 17.63
C THR B 125 37.51 -5.10 19.03
N LYS B 126 38.07 -4.23 19.86
CA LYS B 126 38.48 -4.61 21.21
C LYS B 126 37.52 -4.03 22.23
N VAL B 127 37.11 -4.85 23.19
CA VAL B 127 36.26 -4.42 24.29
C VAL B 127 36.92 -4.84 25.60
N LYS B 128 36.99 -3.92 26.54
CA LYS B 128 37.57 -4.17 27.85
C LYS B 128 36.44 -4.39 28.85
N LEU B 129 36.56 -5.47 29.62
CA LEU B 129 35.56 -5.85 30.61
C LEU B 129 36.04 -5.43 31.99
N SER B 130 35.71 -4.20 32.35
CA SER B 130 36.12 -3.64 33.63
C SER B 130 35.15 -4.05 34.73
N GLY B 131 35.69 -4.42 35.88
CA GLY B 131 34.88 -4.77 37.02
C GLY B 131 34.54 -6.24 37.08
N ILE B 132 33.47 -6.52 37.82
CA ILE B 132 32.98 -7.89 37.99
C ILE B 132 31.90 -8.13 36.94
N VAL B 133 32.11 -9.13 36.10
CA VAL B 133 31.16 -9.50 35.05
C VAL B 133 30.60 -10.86 35.40
N ASP B 134 29.27 -10.98 35.35
CA ASP B 134 28.59 -12.19 35.77
C ASP B 134 28.26 -13.09 34.58
N ILE B 135 28.54 -14.38 34.75
CA ILE B 135 28.35 -15.39 33.71
C ILE B 135 27.26 -16.34 34.18
N LYS B 136 26.14 -16.34 33.48
CA LYS B 136 25.00 -17.21 33.77
C LYS B 136 24.86 -18.20 32.63
N ASN B 137 24.90 -19.50 32.95
CA ASN B 137 24.75 -20.57 31.97
C ASN B 137 25.78 -20.44 30.85
N GLY B 138 26.98 -20.02 31.21
CA GLY B 138 28.04 -19.86 30.22
C GLY B 138 27.94 -18.61 29.38
N PHE B 139 26.97 -17.74 29.66
CA PHE B 139 26.79 -16.50 28.91
C PHE B 139 27.20 -15.34 29.79
N LEU B 140 28.17 -14.56 29.32
CA LEU B 140 28.51 -13.31 29.99
C LEU B 140 27.35 -12.32 29.85
N LEU B 141 27.15 -11.51 30.87
CA LEU B 141 26.11 -10.49 30.83
C LEU B 141 26.76 -9.12 30.73
N LEU B 142 26.53 -8.42 29.62
CA LEU B 142 27.17 -7.14 29.36
C LEU B 142 26.24 -5.98 29.67
N ASN B 143 26.81 -4.88 30.16
CA ASN B 143 26.07 -3.66 30.45
C ASN B 143 26.93 -2.48 30.01
N ASP B 144 26.49 -1.28 30.37
CA ASP B 144 27.30 -0.08 30.14
C ASP B 144 28.29 0.18 31.27
N SER B 145 28.17 -0.51 32.40
CA SER B 145 29.04 -0.30 33.54
C SER B 145 30.19 -1.29 33.59
N ASN B 146 30.33 -2.17 32.60
CA ASN B 146 31.41 -3.14 32.60
C ASN B 146 32.08 -3.32 31.24
N THR B 147 31.62 -2.66 30.19
CA THR B 147 32.19 -2.80 28.86
C THR B 147 32.65 -1.44 28.34
N THR B 148 33.87 -1.38 27.83
CA THR B 148 34.39 -0.19 27.19
C THR B 148 34.91 -0.57 25.82
N VAL B 149 34.42 0.09 24.77
CA VAL B 149 34.83 -0.17 23.41
C VAL B 149 36.09 0.63 23.13
N LEU B 150 37.22 -0.05 22.94
CA LEU B 150 38.51 0.59 22.73
C LEU B 150 38.86 0.75 21.26
N GLY B 151 37.92 0.47 20.36
CA GLY B 151 38.20 0.58 18.95
C GLY B 151 39.02 -0.59 18.44
N GLY B 152 39.62 -0.40 17.26
CA GLY B 152 40.43 -1.43 16.65
C GLY B 152 40.28 -1.47 15.14
N GLU B 153 41.39 -1.66 14.43
CA GLU B 153 41.41 -1.68 12.97
C GLU B 153 42.23 -2.87 12.49
N VAL B 154 41.54 -4.00 12.30
CA VAL B 154 42.16 -5.22 11.78
C VAL B 154 41.46 -5.55 10.47
N GLU B 155 42.16 -6.30 9.62
CA GLU B 155 41.61 -6.70 8.32
C GLU B 155 40.18 -7.19 8.45
N HIS B 156 39.26 -6.47 7.81
CA HIS B 156 37.84 -6.64 8.10
C HIS B 156 37.28 -7.87 7.40
N LEU B 157 37.28 -7.85 6.06
CA LEU B 157 36.68 -8.91 5.25
C LEU B 157 35.23 -9.17 5.62
N ILE B 158 34.58 -8.17 6.23
CA ILE B 158 33.18 -8.29 6.60
C ILE B 158 32.29 -8.33 5.36
N GLU B 159 32.67 -7.61 4.31
CA GLU B 159 31.94 -7.46 3.06
C GLU B 159 30.44 -7.24 3.33
N LYS B 160 29.55 -7.72 2.48
CA LYS B 160 28.16 -7.28 2.53
C LYS B 160 27.25 -8.44 2.12
N TRP B 161 26.02 -8.12 1.75
CA TRP B 161 25.11 -9.12 1.19
C TRP B 161 25.65 -9.63 -0.14
MN MN E . -13.11 11.95 -15.26
#